data_4UHP
#
_entry.id   4UHP
#
_cell.length_a   36.604
_cell.length_b   75.627
_cell.length_c   83.171
_cell.angle_alpha   79.19
_cell.angle_beta   78.05
_cell.angle_gamma   77.00
#
_symmetry.space_group_name_H-M   'P 1'
#
loop_
_entity.id
_entity.type
_entity.pdbx_description
1 polymer 'LARGE COMPONENT OF PYOCIN AP41'
2 polymer 'BACTERIOCIN IMMUNITY PROTEIN'
3 water water
#
loop_
_entity_poly.entity_id
_entity_poly.type
_entity_poly.pdbx_seq_one_letter_code
_entity_poly.pdbx_strand_id
1 'polypeptide(L)'
;DEPGVATGNGQPVTGNWLAGASQGDGVPIPSQIADQLRGKEFKSWRDFREQFWMAVSKDPSALENLSPSNRYFVSQGLAP
YAVPEEHLGSKEKFEIHHVVPLESGGALYNIDNLVIVTPKRHSEIHKELKLKRKEK
;
A,C,E,G
2 'polypeptide(L)'
;MDIKNNLSDYTESEFLEIIEEFFKNKSGLKGSELEKRMDKLVKHFEEVTSHPRKSGVIFHPKPGFETPEGIVKEVKEWRA
ANGLPGFKAGLEHHHHHH
;
B,D,F,H
#
# COMPACT_ATOMS: atom_id res chain seq x y z
N ASP A 1 3.89 -12.59 -12.18
CA ASP A 1 3.30 -13.47 -11.19
C ASP A 1 2.15 -12.79 -10.47
N GLU A 2 2.38 -11.56 -10.01
CA GLU A 2 1.36 -10.79 -9.33
C GLU A 2 1.12 -9.46 -10.05
N PRO A 3 -0.14 -8.97 -10.02
CA PRO A 3 -0.52 -7.72 -10.67
C PRO A 3 0.25 -6.50 -10.15
N GLY A 4 0.23 -5.42 -10.92
CA GLY A 4 0.88 -4.19 -10.53
C GLY A 4 0.66 -3.05 -11.50
N VAL A 5 1.14 -1.87 -11.14
CA VAL A 5 0.99 -0.68 -11.97
C VAL A 5 2.35 -0.21 -12.48
N ALA A 6 2.43 0.10 -13.76
CA ALA A 6 3.69 0.48 -14.38
C ALA A 6 4.10 1.90 -13.99
N THR A 7 5.41 2.08 -13.80
CA THR A 7 6.00 3.38 -13.50
C THR A 7 7.21 3.60 -14.41
N GLY A 8 7.75 4.81 -14.40
CA GLY A 8 8.95 5.10 -15.16
C GLY A 8 8.71 5.87 -16.44
N ASN A 9 9.73 6.58 -16.91
CA ASN A 9 9.60 7.49 -18.03
C ASN A 9 10.27 6.98 -19.30
N GLY A 10 11.17 6.03 -19.15
CA GLY A 10 11.96 5.56 -20.27
C GLY A 10 13.03 6.57 -20.63
N GLN A 11 13.60 6.44 -21.81
CA GLN A 11 14.64 7.35 -22.27
C GLN A 11 14.40 7.76 -23.72
N PRO A 12 14.69 9.03 -24.04
CA PRO A 12 14.45 9.57 -25.38
C PRO A 12 15.38 9.00 -26.43
N VAL A 13 15.05 7.83 -26.97
CA VAL A 13 15.88 7.20 -27.99
C VAL A 13 15.44 7.62 -29.39
N THR A 14 16.41 7.71 -30.29
CA THR A 14 16.13 8.05 -31.68
C THR A 14 16.71 6.99 -32.60
N GLY A 15 16.26 7.00 -33.86
CA GLY A 15 16.75 6.06 -34.85
C GLY A 15 16.29 4.64 -34.60
N ASN A 16 17.03 3.68 -35.14
CA ASN A 16 16.72 2.28 -34.94
C ASN A 16 17.05 1.84 -33.51
N TRP A 17 16.10 2.00 -32.61
CA TRP A 17 16.35 1.77 -31.20
C TRP A 17 16.56 0.29 -30.86
N LEU A 18 15.91 -0.60 -31.59
CA LEU A 18 16.09 -2.03 -31.34
C LEU A 18 17.48 -2.52 -31.73
N ALA A 19 18.22 -1.69 -32.47
CA ALA A 19 19.61 -2.00 -32.79
C ALA A 19 20.47 -1.92 -31.53
N GLY A 20 20.01 -1.13 -30.56
CA GLY A 20 20.71 -1.01 -29.29
C GLY A 20 20.67 -2.28 -28.46
N ALA A 21 19.69 -3.14 -28.74
CA ALA A 21 19.50 -4.38 -27.99
C ALA A 21 20.68 -5.33 -28.14
N SER A 22 21.47 -5.14 -29.18
CA SER A 22 22.60 -6.02 -29.47
C SER A 22 23.91 -5.43 -28.96
N GLN A 23 23.81 -4.32 -28.26
CA GLN A 23 25.00 -3.61 -27.78
C GLN A 23 24.90 -3.32 -26.28
N GLY A 24 26.05 -3.33 -25.61
CA GLY A 24 26.13 -3.00 -24.20
C GLY A 24 25.22 -3.85 -23.33
N ASP A 25 24.53 -3.20 -22.40
CA ASP A 25 23.62 -3.90 -21.50
C ASP A 25 22.22 -3.96 -22.09
N GLY A 26 22.09 -3.55 -23.34
CA GLY A 26 20.79 -3.53 -24.00
C GLY A 26 20.29 -2.11 -24.15
N VAL A 27 19.08 -1.96 -24.71
CA VAL A 27 18.52 -0.65 -24.96
C VAL A 27 17.37 -0.38 -23.98
N PRO A 28 17.32 0.84 -23.42
CA PRO A 28 16.20 1.20 -22.53
C PRO A 28 14.91 1.44 -23.32
N ILE A 29 13.80 1.60 -22.60
CA ILE A 29 12.49 1.78 -23.25
C ILE A 29 12.32 3.22 -23.73
N PRO A 30 11.87 3.41 -24.98
CA PRO A 30 11.60 4.74 -25.51
C PRO A 30 10.60 5.51 -24.64
N SER A 31 10.77 6.83 -24.57
CA SER A 31 9.91 7.68 -23.76
C SER A 31 8.45 7.55 -24.16
N GLN A 32 8.19 7.64 -25.47
CA GLN A 32 6.82 7.63 -25.98
C GLN A 32 6.13 6.29 -25.71
N ILE A 33 6.91 5.22 -25.62
CA ILE A 33 6.38 3.90 -25.27
C ILE A 33 6.01 3.86 -23.78
N ALA A 34 6.91 4.36 -22.95
CA ALA A 34 6.65 4.42 -21.51
C ALA A 34 5.39 5.22 -21.22
N ASP A 35 5.17 6.29 -21.98
CA ASP A 35 3.97 7.12 -21.81
C ASP A 35 2.69 6.35 -22.06
N GLN A 36 2.77 5.33 -22.92
CA GLN A 36 1.60 4.49 -23.23
C GLN A 36 1.29 3.54 -22.08
N LEU A 37 2.33 3.12 -21.37
CA LEU A 37 2.20 2.04 -20.39
C LEU A 37 2.12 2.55 -18.95
N ARG A 38 2.79 3.67 -18.68
CA ARG A 38 2.85 4.21 -17.32
C ARG A 38 1.44 4.49 -16.77
N GLY A 39 1.18 4.00 -15.56
CA GLY A 39 -0.10 4.22 -14.93
C GLY A 39 -1.11 3.12 -15.18
N LYS A 40 -0.85 2.30 -16.21
CA LYS A 40 -1.76 1.21 -16.55
C LYS A 40 -1.63 0.04 -15.57
N GLU A 41 -2.69 -0.74 -15.44
CA GLU A 41 -2.70 -1.93 -14.60
C GLU A 41 -2.37 -3.17 -15.44
N PHE A 42 -1.61 -4.09 -14.84
CA PHE A 42 -1.26 -5.33 -15.52
C PHE A 42 -1.49 -6.53 -14.61
N LYS A 43 -2.07 -7.59 -15.16
CA LYS A 43 -2.43 -8.75 -14.35
C LYS A 43 -1.22 -9.60 -14.01
N SER A 44 -0.23 -9.60 -14.89
CA SER A 44 0.98 -10.38 -14.70
C SER A 44 2.09 -9.83 -15.58
N TRP A 45 3.26 -10.44 -15.51
CA TRP A 45 4.36 -10.02 -16.36
C TRP A 45 4.07 -10.34 -17.83
N ARG A 46 3.47 -11.50 -18.07
CA ARG A 46 3.09 -11.89 -19.42
C ARG A 46 2.11 -10.88 -19.99
N ASP A 47 1.22 -10.37 -19.13
CA ASP A 47 0.27 -9.35 -19.52
C ASP A 47 0.99 -8.08 -19.96
N PHE A 48 1.99 -7.68 -19.18
CA PHE A 48 2.79 -6.49 -19.51
C PHE A 48 3.55 -6.66 -20.82
N ARG A 49 4.18 -7.82 -20.98
CA ARG A 49 4.99 -8.10 -22.16
C ARG A 49 4.17 -7.96 -23.44
N GLU A 50 2.98 -8.55 -23.42
CA GLU A 50 2.06 -8.47 -24.55
C GLU A 50 1.66 -7.03 -24.84
N GLN A 51 1.24 -6.31 -23.81
CA GLN A 51 0.83 -4.91 -23.97
C GLN A 51 2.01 -4.03 -24.33
N PHE A 52 3.21 -4.44 -23.93
CA PHE A 52 4.41 -3.69 -24.28
C PHE A 52 4.65 -3.73 -25.79
N TRP A 53 4.61 -4.92 -26.36
CA TRP A 53 4.88 -5.05 -27.79
C TRP A 53 3.73 -4.48 -28.62
N MET A 54 2.51 -4.54 -28.09
CA MET A 54 1.38 -3.88 -28.74
C MET A 54 1.55 -2.38 -28.74
N ALA A 55 2.14 -1.84 -27.67
CA ALA A 55 2.39 -0.41 -27.60
C ALA A 55 3.44 -0.03 -28.63
N VAL A 56 4.40 -0.92 -28.85
CA VAL A 56 5.39 -0.75 -29.91
C VAL A 56 4.69 -0.66 -31.27
N SER A 57 3.62 -1.43 -31.44
CA SER A 57 2.89 -1.45 -32.72
C SER A 57 2.08 -0.18 -32.94
N LYS A 58 1.92 0.62 -31.89
CA LYS A 58 1.20 1.88 -32.01
C LYS A 58 2.17 3.06 -32.09
N ASP A 59 3.47 2.76 -32.13
CA ASP A 59 4.49 3.81 -32.20
C ASP A 59 5.23 3.80 -33.52
N PRO A 60 4.95 4.79 -34.38
CA PRO A 60 5.59 4.88 -35.70
C PRO A 60 7.11 4.85 -35.64
N SER A 61 7.70 5.55 -34.68
CA SER A 61 9.16 5.59 -34.52
C SER A 61 9.76 4.19 -34.38
N ALA A 62 9.09 3.32 -33.63
CA ALA A 62 9.56 1.94 -33.46
C ALA A 62 9.19 1.08 -34.67
N LEU A 63 7.99 1.29 -35.21
CA LEU A 63 7.53 0.54 -36.36
C LEU A 63 8.40 0.74 -37.58
N GLU A 64 8.99 1.93 -37.69
CA GLU A 64 9.70 2.34 -38.90
C GLU A 64 10.80 1.37 -39.28
N ASN A 65 11.49 0.81 -38.29
CA ASN A 65 12.59 -0.10 -38.54
C ASN A 65 12.21 -1.57 -38.40
N LEU A 66 10.91 -1.85 -38.37
CA LEU A 66 10.43 -3.23 -38.30
C LEU A 66 9.86 -3.68 -39.64
N SER A 67 10.18 -4.91 -40.03
CA SER A 67 9.65 -5.50 -41.25
C SER A 67 8.15 -5.74 -41.11
N PRO A 68 7.44 -5.89 -42.25
CA PRO A 68 6.00 -6.14 -42.20
C PRO A 68 5.64 -7.31 -41.30
N SER A 69 6.44 -8.37 -41.34
CA SER A 69 6.21 -9.54 -40.50
C SER A 69 6.36 -9.20 -39.02
N ASN A 70 7.46 -8.55 -38.66
CA ASN A 70 7.67 -8.16 -37.27
C ASN A 70 6.63 -7.15 -36.81
N ARG A 71 6.12 -6.36 -37.74
CA ARG A 71 5.05 -5.41 -37.45
C ARG A 71 3.77 -6.14 -37.06
N TYR A 72 3.45 -7.19 -37.81
CA TYR A 72 2.28 -8.01 -37.46
C TYR A 72 2.47 -8.66 -36.09
N PHE A 73 3.65 -9.21 -35.86
CA PHE A 73 3.94 -9.88 -34.59
C PHE A 73 3.70 -8.95 -33.40
N VAL A 74 4.27 -7.75 -33.43
CA VAL A 74 4.12 -6.86 -32.29
C VAL A 74 2.68 -6.36 -32.14
N SER A 75 1.92 -6.38 -33.22
CA SER A 75 0.52 -5.96 -33.18
C SER A 75 -0.32 -6.99 -32.44
N GLN A 76 0.15 -8.24 -32.44
CA GLN A 76 -0.52 -9.33 -31.73
C GLN A 76 0.04 -9.51 -30.32
N GLY A 77 0.96 -8.63 -29.93
CA GLY A 77 1.58 -8.71 -28.62
C GLY A 77 2.70 -9.73 -28.58
N LEU A 78 3.17 -10.13 -29.75
CA LEU A 78 4.28 -11.09 -29.85
C LEU A 78 5.60 -10.36 -29.96
N ALA A 79 6.62 -10.88 -29.29
CA ALA A 79 7.97 -10.32 -29.39
C ALA A 79 8.49 -10.50 -30.81
N PRO A 80 9.10 -9.44 -31.36
CA PRO A 80 9.65 -9.52 -32.72
C PRO A 80 10.94 -10.32 -32.73
N TYR A 81 11.37 -10.70 -33.93
CA TYR A 81 12.57 -11.50 -34.11
C TYR A 81 13.75 -10.63 -34.49
N ALA A 82 14.90 -10.90 -33.88
CA ALA A 82 16.13 -10.18 -34.20
C ALA A 82 16.73 -10.73 -35.49
N VAL A 83 17.73 -10.02 -36.02
CA VAL A 83 18.48 -10.49 -37.17
C VAL A 83 19.20 -11.79 -36.83
N PRO A 84 19.41 -12.65 -37.84
CA PRO A 84 20.10 -13.94 -37.66
C PRO A 84 21.42 -13.85 -36.91
N GLU A 85 22.16 -12.77 -37.14
CA GLU A 85 23.46 -12.58 -36.51
C GLU A 85 23.33 -12.38 -35.01
N GLU A 86 22.13 -12.07 -34.53
CA GLU A 86 21.90 -11.85 -33.11
C GLU A 86 21.15 -13.00 -32.47
N HIS A 87 20.96 -14.07 -33.23
CA HIS A 87 20.33 -15.26 -32.69
C HIS A 87 21.31 -16.00 -31.80
N LEU A 88 20.80 -16.90 -30.97
CA LEU A 88 21.63 -17.83 -30.23
C LEU A 88 21.00 -19.21 -30.35
N GLY A 89 21.40 -19.96 -31.37
CA GLY A 89 20.75 -21.22 -31.66
C GLY A 89 19.30 -20.99 -32.02
N SER A 90 18.39 -21.70 -31.36
CA SER A 90 16.97 -21.59 -31.66
C SER A 90 16.31 -20.37 -31.02
N LYS A 91 17.07 -19.63 -30.21
CA LYS A 91 16.54 -18.42 -29.58
C LYS A 91 16.81 -17.21 -30.46
N GLU A 92 15.73 -16.55 -30.89
CA GLU A 92 15.82 -15.50 -31.90
C GLU A 92 15.06 -14.22 -31.57
N LYS A 93 14.25 -14.26 -30.51
CA LYS A 93 13.40 -13.11 -30.16
C LYS A 93 14.14 -12.06 -29.33
N PHE A 94 13.80 -10.79 -29.55
CA PHE A 94 14.16 -9.74 -28.61
C PHE A 94 13.54 -10.07 -27.26
N GLU A 95 14.28 -9.82 -26.18
CA GLU A 95 13.79 -10.16 -24.85
C GLU A 95 13.80 -8.95 -23.93
N ILE A 96 12.75 -8.84 -23.10
CA ILE A 96 12.71 -7.81 -22.07
C ILE A 96 13.36 -8.34 -20.80
N HIS A 97 14.38 -7.65 -20.33
CA HIS A 97 15.07 -8.06 -19.11
C HIS A 97 14.92 -7.01 -18.03
N HIS A 98 14.95 -7.45 -16.77
CA HIS A 98 14.98 -6.52 -15.65
C HIS A 98 16.43 -6.23 -15.26
N VAL A 99 16.75 -4.95 -15.10
CA VAL A 99 18.10 -4.52 -14.76
C VAL A 99 18.45 -4.89 -13.33
N VAL A 100 17.52 -4.62 -12.41
CA VAL A 100 17.71 -4.91 -10.99
C VAL A 100 16.69 -5.93 -10.52
N PRO A 101 17.17 -7.05 -9.94
CA PRO A 101 16.28 -8.11 -9.44
C PRO A 101 15.46 -7.64 -8.25
N LEU A 102 14.34 -8.33 -7.98
CA LEU A 102 13.46 -7.96 -6.88
C LEU A 102 14.17 -8.04 -5.53
N GLU A 103 15.24 -8.82 -5.47
CA GLU A 103 15.98 -9.00 -4.24
C GLU A 103 16.90 -7.81 -3.94
N SER A 104 17.10 -6.95 -4.93
CA SER A 104 18.11 -5.91 -4.80
C SER A 104 17.82 -4.43 -5.15
N GLY A 105 16.59 -3.91 -5.09
CA GLY A 105 15.33 -4.61 -4.99
C GLY A 105 14.41 -3.95 -6.00
N GLY A 106 14.69 -4.22 -7.28
CA GLY A 106 13.97 -3.58 -8.37
C GLY A 106 12.49 -3.90 -8.43
N ALA A 107 11.74 -3.05 -9.11
CA ALA A 107 10.30 -3.24 -9.24
C ALA A 107 9.99 -4.01 -10.51
N LEU A 108 8.94 -4.83 -10.46
CA LEU A 108 8.55 -5.67 -11.59
C LEU A 108 8.05 -4.86 -12.77
N TYR A 109 7.32 -3.77 -12.49
CA TYR A 109 6.70 -2.99 -13.55
C TYR A 109 7.29 -1.59 -13.66
N ASN A 110 8.50 -1.41 -13.16
CA ASN A 110 9.23 -0.16 -13.37
C ASN A 110 9.89 -0.17 -14.75
N ILE A 111 9.29 0.57 -15.67
CA ILE A 111 9.77 0.69 -17.05
C ILE A 111 11.23 1.14 -17.11
N ASP A 112 11.67 1.90 -16.10
CA ASP A 112 13.05 2.35 -16.04
C ASP A 112 13.96 1.26 -15.47
N ASN A 113 13.35 0.13 -15.11
CA ASN A 113 14.11 -1.04 -14.69
C ASN A 113 14.15 -2.09 -15.81
N LEU A 114 13.81 -1.68 -17.02
CA LEU A 114 13.74 -2.60 -18.15
C LEU A 114 14.72 -2.28 -19.26
N VAL A 115 15.28 -3.32 -19.87
CA VAL A 115 16.05 -3.18 -21.10
C VAL A 115 15.65 -4.27 -22.09
N ILE A 116 15.86 -4.00 -23.38
CA ILE A 116 15.66 -5.00 -24.42
C ILE A 116 17.01 -5.53 -24.87
N VAL A 117 17.16 -6.85 -24.93
CA VAL A 117 18.42 -7.48 -25.30
C VAL A 117 18.19 -8.62 -26.30
N THR A 118 19.09 -8.76 -27.27
CA THR A 118 19.01 -9.90 -28.18
C THR A 118 19.56 -11.14 -27.48
N PRO A 119 19.15 -12.34 -27.92
CA PRO A 119 19.63 -13.56 -27.26
C PRO A 119 21.15 -13.70 -27.28
N LYS A 120 21.78 -13.36 -28.40
CA LYS A 120 23.23 -13.41 -28.48
C LYS A 120 23.90 -12.42 -27.51
N ARG A 121 23.38 -11.20 -27.48
CA ARG A 121 24.00 -10.17 -26.65
C ARG A 121 23.93 -10.56 -25.18
N HIS A 122 22.84 -11.20 -24.78
CA HIS A 122 22.67 -11.63 -23.41
C HIS A 122 23.75 -12.65 -23.04
N SER A 123 24.11 -13.51 -23.99
CA SER A 123 25.16 -14.49 -23.74
C SER A 123 26.53 -13.83 -23.73
N GLU A 124 26.71 -12.81 -24.57
CA GLU A 124 27.97 -12.09 -24.61
C GLU A 124 28.17 -11.25 -23.35
N ILE A 125 27.08 -10.76 -22.78
CA ILE A 125 27.14 -10.05 -21.50
C ILE A 125 27.61 -11.01 -20.41
N HIS A 126 27.02 -12.21 -20.39
CA HIS A 126 27.40 -13.23 -19.43
C HIS A 126 28.89 -13.56 -19.51
N LYS A 127 29.39 -13.73 -20.73
CA LYS A 127 30.79 -14.07 -20.94
C LYS A 127 31.74 -12.97 -20.43
N GLU A 128 31.36 -11.73 -20.65
CA GLU A 128 32.16 -10.59 -20.21
C GLU A 128 32.23 -10.54 -18.68
N LEU A 129 31.09 -10.72 -18.03
CA LEU A 129 31.03 -10.74 -16.57
C LEU A 129 31.83 -11.91 -16.01
N LYS A 130 31.87 -13.01 -16.76
CA LYS A 130 32.62 -14.21 -16.35
C LYS A 130 34.12 -13.96 -16.37
N LEU A 131 34.58 -13.19 -17.36
CA LEU A 131 36.00 -12.88 -17.48
C LEU A 131 36.48 -11.97 -16.37
N LYS A 132 35.68 -10.97 -16.02
CA LYS A 132 36.02 -10.05 -14.94
C LYS A 132 36.15 -10.79 -13.61
N ARG A 133 35.35 -11.83 -13.44
CA ARG A 133 35.32 -12.59 -12.20
C ARG A 133 36.62 -13.36 -11.99
N LYS A 134 37.16 -13.92 -13.07
CA LYS A 134 38.40 -14.70 -13.00
C LYS A 134 39.59 -13.78 -13.33
N GLU A 135 39.34 -12.48 -13.22
CA GLU A 135 40.35 -11.45 -13.48
C GLU A 135 40.97 -11.55 -14.87
N MET B 1 -3.15 -24.62 -42.74
CA MET B 1 -2.55 -25.81 -43.32
C MET B 1 -1.74 -26.65 -42.33
N ASP B 2 -1.91 -27.96 -42.40
CA ASP B 2 -1.13 -28.86 -41.57
C ASP B 2 0.33 -28.89 -42.03
N ILE B 3 1.24 -28.89 -41.06
CA ILE B 3 2.67 -28.91 -41.33
C ILE B 3 3.12 -30.26 -41.90
N LYS B 4 3.98 -30.22 -42.91
CA LYS B 4 4.47 -31.44 -43.54
C LYS B 4 5.95 -31.70 -43.25
N ASN B 5 6.45 -32.83 -43.73
CA ASN B 5 7.81 -33.26 -43.40
C ASN B 5 8.89 -32.56 -44.21
N ASN B 6 8.72 -32.52 -45.53
CA ASN B 6 9.72 -31.92 -46.40
C ASN B 6 9.15 -30.77 -47.22
N LEU B 7 10.02 -29.93 -47.76
CA LEU B 7 9.60 -28.82 -48.62
C LEU B 7 8.99 -29.37 -49.90
N SER B 8 9.52 -30.50 -50.35
CA SER B 8 9.05 -31.13 -51.58
C SER B 8 7.66 -31.73 -51.40
N ASP B 9 7.20 -31.82 -50.16
CA ASP B 9 5.85 -32.27 -49.86
C ASP B 9 4.84 -31.17 -50.17
N TYR B 10 5.31 -29.92 -50.12
CA TYR B 10 4.47 -28.76 -50.39
C TYR B 10 4.44 -28.42 -51.89
N THR B 11 3.30 -27.90 -52.33
CA THR B 11 3.25 -27.16 -53.59
C THR B 11 3.51 -25.71 -53.24
N GLU B 12 3.81 -24.88 -54.25
CA GLU B 12 4.18 -23.49 -53.99
C GLU B 12 3.03 -22.69 -53.39
N SER B 13 1.82 -22.89 -53.92
CA SER B 13 0.66 -22.15 -53.43
C SER B 13 0.34 -22.52 -51.98
N GLU B 14 0.60 -23.76 -51.59
CA GLU B 14 0.20 -24.19 -50.25
C GLU B 14 1.24 -23.87 -49.18
N PHE B 15 2.50 -23.82 -49.58
CA PHE B 15 3.56 -23.35 -48.70
C PHE B 15 3.38 -21.86 -48.48
N LEU B 16 2.78 -21.20 -49.47
CA LEU B 16 2.43 -19.80 -49.37
C LEU B 16 1.38 -19.57 -48.27
N GLU B 17 0.45 -20.50 -48.13
CA GLU B 17 -0.59 -20.38 -47.11
C GLU B 17 0.02 -20.48 -45.71
N ILE B 18 1.15 -21.15 -45.60
CA ILE B 18 1.89 -21.21 -44.34
C ILE B 18 2.57 -19.88 -44.04
N ILE B 19 3.23 -19.32 -45.05
CA ILE B 19 3.97 -18.08 -44.91
C ILE B 19 3.04 -16.90 -44.60
N GLU B 20 1.83 -16.93 -45.15
CA GLU B 20 0.84 -15.88 -44.92
C GLU B 20 0.50 -15.72 -43.44
N GLU B 21 0.78 -16.76 -42.66
CA GLU B 21 0.53 -16.76 -41.23
C GLU B 21 1.46 -15.80 -40.49
N PHE B 22 2.57 -15.43 -41.13
CA PHE B 22 3.52 -14.49 -40.55
C PHE B 22 3.12 -13.03 -40.78
N PHE B 23 1.91 -12.82 -41.31
CA PHE B 23 1.45 -11.48 -41.66
C PHE B 23 0.02 -11.22 -41.23
N LYS B 24 -0.70 -12.29 -40.91
CA LYS B 24 -2.09 -12.18 -40.50
C LYS B 24 -2.48 -13.37 -39.63
N ASN B 25 -3.50 -13.18 -38.80
CA ASN B 25 -3.94 -14.22 -37.87
C ASN B 25 -4.92 -15.19 -38.53
N LYS B 26 -4.38 -16.19 -39.21
CA LYS B 26 -5.21 -17.17 -39.90
C LYS B 26 -5.70 -18.27 -38.95
N SER B 27 -4.95 -18.51 -37.89
CA SER B 27 -5.29 -19.58 -36.94
C SER B 27 -6.34 -19.13 -35.93
N GLY B 28 -6.43 -17.82 -35.70
CA GLY B 28 -7.37 -17.29 -34.73
C GLY B 28 -6.86 -17.40 -33.31
N LEU B 29 -5.62 -17.86 -33.17
CA LEU B 29 -4.99 -17.98 -31.85
C LEU B 29 -4.57 -16.62 -31.31
N LYS B 30 -4.45 -16.52 -29.99
CA LYS B 30 -4.04 -15.29 -29.33
C LYS B 30 -2.99 -15.56 -28.26
N GLY B 31 -2.23 -14.52 -27.92
CA GLY B 31 -1.30 -14.58 -26.80
C GLY B 31 -0.27 -15.70 -26.85
N SER B 32 -0.12 -16.41 -25.73
CA SER B 32 0.89 -17.45 -25.61
C SER B 32 0.64 -18.60 -26.59
N GLU B 33 -0.62 -18.92 -26.83
CA GLU B 33 -0.99 -19.94 -27.80
C GLU B 33 -0.49 -19.59 -29.19
N LEU B 34 -0.82 -18.37 -29.63
CA LEU B 34 -0.41 -17.86 -30.93
C LEU B 34 1.11 -17.84 -31.05
N GLU B 35 1.78 -17.37 -29.99
CA GLU B 35 3.23 -17.28 -30.01
C GLU B 35 3.84 -18.68 -30.08
N LYS B 36 3.18 -19.64 -29.44
CA LYS B 36 3.66 -21.01 -29.44
C LYS B 36 3.59 -21.59 -30.85
N ARG B 37 2.53 -21.27 -31.58
CA ARG B 37 2.39 -21.73 -32.95
C ARG B 37 3.41 -21.07 -33.87
N MET B 38 3.60 -19.76 -33.72
CA MET B 38 4.55 -19.05 -34.55
C MET B 38 5.97 -19.53 -34.28
N ASP B 39 6.24 -19.88 -33.02
CA ASP B 39 7.51 -20.52 -32.65
C ASP B 39 7.74 -21.80 -33.45
N LYS B 40 6.70 -22.64 -33.52
CA LYS B 40 6.77 -23.90 -34.25
C LYS B 40 6.91 -23.68 -35.76
N LEU B 41 6.23 -22.65 -36.28
CA LEU B 41 6.25 -22.35 -37.70
C LEU B 41 7.60 -21.80 -38.14
N VAL B 42 8.24 -21.02 -37.27
CA VAL B 42 9.57 -20.49 -37.58
C VAL B 42 10.59 -21.63 -37.68
N LYS B 43 10.63 -22.48 -36.66
CA LYS B 43 11.53 -23.63 -36.66
C LYS B 43 11.29 -24.52 -37.87
N HIS B 44 10.01 -24.68 -38.23
CA HIS B 44 9.65 -25.45 -39.40
C HIS B 44 10.22 -24.82 -40.67
N PHE B 45 10.00 -23.52 -40.83
CA PHE B 45 10.48 -22.78 -42.00
C PHE B 45 11.98 -22.94 -42.20
N GLU B 46 12.73 -22.68 -41.14
CA GLU B 46 14.18 -22.75 -41.21
C GLU B 46 14.66 -24.15 -41.58
N GLU B 47 13.92 -25.15 -41.14
CA GLU B 47 14.33 -26.53 -41.31
C GLU B 47 14.10 -27.06 -42.73
N VAL B 48 12.89 -26.84 -43.27
CA VAL B 48 12.56 -27.38 -44.58
C VAL B 48 13.20 -26.57 -45.72
N THR B 49 13.42 -25.29 -45.48
CA THR B 49 14.02 -24.43 -46.50
C THR B 49 15.54 -24.57 -46.51
N SER B 50 16.12 -24.80 -45.34
CA SER B 50 17.57 -24.87 -45.17
C SER B 50 18.25 -23.58 -45.61
N HIS B 51 17.49 -22.49 -45.65
CA HIS B 51 18.02 -21.21 -46.06
C HIS B 51 19.01 -20.68 -45.01
N PRO B 52 20.17 -20.19 -45.46
CA PRO B 52 21.25 -19.69 -44.60
C PRO B 52 20.79 -18.59 -43.65
N ARG B 53 19.84 -17.77 -44.10
CA ARG B 53 19.40 -16.64 -43.29
C ARG B 53 18.27 -17.03 -42.32
N LYS B 54 17.90 -18.31 -42.32
CA LYS B 54 16.90 -18.83 -41.40
C LYS B 54 15.61 -18.00 -41.43
N SER B 55 15.13 -17.59 -40.25
CA SER B 55 13.90 -16.81 -40.15
C SER B 55 14.12 -15.40 -40.68
N GLY B 56 15.38 -15.04 -40.92
CA GLY B 56 15.71 -13.74 -41.49
C GLY B 56 15.05 -13.52 -42.84
N VAL B 57 14.79 -14.58 -43.58
CA VAL B 57 14.07 -14.48 -44.86
C VAL B 57 12.70 -13.84 -44.63
N ILE B 58 12.08 -14.21 -43.51
CA ILE B 58 10.77 -13.68 -43.15
C ILE B 58 10.86 -12.34 -42.44
N PHE B 59 11.65 -12.29 -41.37
CA PHE B 59 11.64 -11.13 -40.49
C PHE B 59 12.62 -10.03 -40.89
N HIS B 60 13.64 -10.37 -41.67
CA HIS B 60 14.55 -9.35 -42.18
C HIS B 60 14.84 -9.55 -43.66
N PRO B 61 13.80 -9.42 -44.51
CA PRO B 61 13.89 -9.71 -45.94
C PRO B 61 14.55 -8.60 -46.75
N LYS B 62 15.05 -8.96 -47.92
CA LYS B 62 15.64 -7.99 -48.82
C LYS B 62 14.53 -7.14 -49.42
N PRO B 63 14.87 -5.90 -49.85
CA PRO B 63 13.88 -4.97 -50.40
C PRO B 63 13.03 -5.59 -51.51
N GLY B 64 11.70 -5.47 -51.39
CA GLY B 64 10.80 -6.02 -52.37
C GLY B 64 10.28 -7.39 -51.99
N PHE B 65 11.01 -8.09 -51.13
CA PHE B 65 10.72 -9.48 -50.81
C PHE B 65 10.03 -9.68 -49.47
N GLU B 66 9.49 -8.61 -48.90
CA GLU B 66 8.95 -8.70 -47.53
C GLU B 66 7.51 -9.23 -47.49
N THR B 67 6.92 -9.53 -48.64
CA THR B 67 5.59 -10.13 -48.68
C THR B 67 5.71 -11.65 -48.74
N PRO B 68 4.63 -12.38 -48.39
CA PRO B 68 4.65 -13.84 -48.51
C PRO B 68 5.11 -14.34 -49.87
N GLU B 69 4.70 -13.67 -50.94
CA GLU B 69 5.11 -14.04 -52.29
C GLU B 69 6.62 -13.87 -52.47
N GLY B 70 7.17 -12.80 -51.93
CA GLY B 70 8.59 -12.55 -52.02
C GLY B 70 9.41 -13.58 -51.24
N ILE B 71 8.88 -13.95 -50.07
CA ILE B 71 9.53 -14.95 -49.23
C ILE B 71 9.57 -16.30 -49.95
N VAL B 72 8.45 -16.71 -50.52
CA VAL B 72 8.38 -17.95 -51.28
C VAL B 72 9.34 -17.92 -52.46
N LYS B 73 9.41 -16.76 -53.12
CA LYS B 73 10.28 -16.59 -54.27
C LYS B 73 11.76 -16.71 -53.88
N GLU B 74 12.12 -16.15 -52.74
CA GLU B 74 13.48 -16.24 -52.25
C GLU B 74 13.83 -17.68 -51.86
N VAL B 75 12.88 -18.36 -51.23
CA VAL B 75 13.08 -19.76 -50.87
C VAL B 75 13.24 -20.63 -52.12
N LYS B 76 12.35 -20.42 -53.08
CA LYS B 76 12.34 -21.17 -54.33
C LYS B 76 13.64 -21.00 -55.11
N GLU B 77 14.14 -19.76 -55.15
CA GLU B 77 15.33 -19.45 -55.95
C GLU B 77 16.63 -19.89 -55.27
N TRP B 78 16.70 -19.77 -53.95
CA TRP B 78 17.91 -20.18 -53.24
C TRP B 78 18.11 -21.70 -53.35
N ARG B 79 17.02 -22.45 -53.21
CA ARG B 79 17.10 -23.91 -53.27
C ARG B 79 17.49 -24.37 -54.68
N ALA B 80 16.99 -23.68 -55.69
CA ALA B 80 17.32 -24.00 -57.07
C ALA B 80 18.80 -23.72 -57.34
N ALA B 81 19.29 -22.61 -56.83
CA ALA B 81 20.68 -22.21 -57.04
C ALA B 81 21.66 -23.11 -56.29
N ASN B 82 21.16 -23.87 -55.32
CA ASN B 82 22.03 -24.74 -54.53
C ASN B 82 21.79 -26.23 -54.77
N GLY B 83 21.09 -26.55 -55.85
CA GLY B 83 20.89 -27.93 -56.26
C GLY B 83 19.96 -28.73 -55.36
N LEU B 84 19.04 -28.03 -54.70
CA LEU B 84 18.12 -28.68 -53.78
C LEU B 84 16.72 -28.77 -54.36
N PRO B 85 16.00 -29.86 -54.06
CA PRO B 85 14.63 -30.07 -54.54
C PRO B 85 13.68 -28.93 -54.20
N GLY B 86 12.77 -28.62 -55.12
CA GLY B 86 11.85 -27.52 -54.94
C GLY B 86 10.46 -27.97 -54.58
N PHE B 87 9.47 -27.14 -54.88
CA PHE B 87 8.08 -27.44 -54.55
C PHE B 87 7.49 -28.49 -55.46
N LYS B 88 6.52 -29.23 -54.94
CA LYS B 88 5.80 -30.23 -55.71
C LYS B 88 4.84 -29.57 -56.69
N ALA B 89 4.73 -30.12 -57.89
CA ALA B 89 3.84 -29.59 -58.90
C ALA B 89 2.38 -29.78 -58.49
N GLY B 90 1.61 -28.69 -58.52
CA GLY B 90 2.10 -27.39 -58.94
C GLY B 90 1.03 -26.59 -59.67
N GLU C 2 -22.18 15.00 -19.93
CA GLU C 2 -21.74 14.16 -21.03
C GLU C 2 -20.52 13.32 -20.65
N PRO C 3 -20.69 11.99 -20.60
CA PRO C 3 -19.62 11.04 -20.26
C PRO C 3 -18.49 11.03 -21.29
N GLY C 4 -17.27 10.73 -20.84
CA GLY C 4 -16.13 10.70 -21.74
C GLY C 4 -14.94 9.92 -21.20
N VAL C 5 -13.84 9.95 -21.93
CA VAL C 5 -12.61 9.25 -21.55
C VAL C 5 -11.42 10.20 -21.56
N ALA C 6 -10.69 10.24 -20.45
CA ALA C 6 -9.56 11.16 -20.32
C ALA C 6 -8.37 10.71 -21.13
N THR C 7 -7.74 11.66 -21.81
CA THR C 7 -6.54 11.40 -22.59
C THR C 7 -5.49 12.45 -22.28
N GLY C 8 -4.23 12.14 -22.59
CA GLY C 8 -3.17 13.12 -22.42
C GLY C 8 -2.07 12.65 -21.48
N ASN C 9 -0.87 13.16 -21.71
CA ASN C 9 0.30 12.76 -20.93
C ASN C 9 0.64 13.78 -19.85
N GLY C 10 0.14 15.00 -20.01
CA GLY C 10 0.46 16.07 -19.08
C GLY C 10 1.85 16.61 -19.35
N GLN C 11 2.41 17.32 -18.36
CA GLN C 11 3.75 17.86 -18.49
C GLN C 11 4.57 17.63 -17.23
N PRO C 12 5.80 17.12 -17.39
CA PRO C 12 6.68 16.72 -16.29
C PRO C 12 7.40 17.90 -15.63
N VAL C 13 6.79 18.46 -14.58
CA VAL C 13 7.49 19.40 -13.71
C VAL C 13 7.13 19.06 -12.26
N THR C 14 8.12 19.18 -11.36
CA THR C 14 7.90 18.89 -9.95
C THR C 14 8.41 20.00 -9.07
N GLY C 15 7.79 20.15 -7.90
CA GLY C 15 8.04 21.26 -7.01
C GLY C 15 6.69 21.88 -6.69
N ASN C 16 6.67 23.17 -6.35
CA ASN C 16 5.40 23.85 -6.12
C ASN C 16 4.74 24.19 -7.45
N TRP C 17 4.13 23.19 -8.08
CA TRP C 17 3.53 23.38 -9.39
C TRP C 17 2.28 24.24 -9.33
N LEU C 18 1.67 24.32 -8.15
CA LEU C 18 0.47 25.14 -7.96
C LEU C 18 0.82 26.62 -7.82
N ALA C 19 2.11 26.92 -7.76
CA ALA C 19 2.58 28.30 -7.68
C ALA C 19 2.49 28.97 -9.05
N GLY C 20 2.49 28.16 -10.11
CA GLY C 20 2.39 28.68 -11.46
C GLY C 20 0.96 28.96 -11.86
N ALA C 21 0.01 28.66 -10.97
CA ALA C 21 -1.40 28.84 -11.26
C ALA C 21 -1.78 30.32 -11.22
N SER C 22 -0.95 31.12 -10.58
CA SER C 22 -1.21 32.55 -10.45
C SER C 22 -0.42 33.34 -11.49
N GLN C 23 0.29 32.63 -12.36
CA GLN C 23 1.14 33.27 -13.35
C GLN C 23 0.89 32.72 -14.76
N GLY C 24 1.20 33.55 -15.75
CA GLY C 24 1.08 33.14 -17.15
C GLY C 24 -0.34 32.79 -17.52
N ASP C 25 -0.51 31.71 -18.28
CA ASP C 25 -1.84 31.23 -18.63
C ASP C 25 -2.18 29.99 -17.83
N GLY C 26 -1.56 29.87 -16.66
CA GLY C 26 -1.83 28.76 -15.76
C GLY C 26 -0.75 27.70 -15.81
N VAL C 27 -0.88 26.72 -14.92
CA VAL C 27 0.06 25.61 -14.87
C VAL C 27 -0.58 24.35 -15.46
N PRO C 28 0.11 23.71 -16.42
CA PRO C 28 -0.38 22.46 -17.00
C PRO C 28 -0.47 21.34 -15.97
N ILE C 29 -1.26 20.32 -16.26
CA ILE C 29 -1.43 19.19 -15.36
C ILE C 29 -0.17 18.34 -15.31
N PRO C 30 0.36 18.11 -14.10
CA PRO C 30 1.57 17.28 -13.92
C PRO C 30 1.37 15.88 -14.48
N SER C 31 2.44 15.30 -15.03
CA SER C 31 2.35 13.98 -15.63
C SER C 31 1.90 12.91 -14.65
N GLN C 32 2.38 13.01 -13.40
CA GLN C 32 2.03 12.02 -12.38
C GLN C 32 0.55 12.12 -11.99
N ILE C 33 -0.04 13.28 -12.21
CA ILE C 33 -1.48 13.45 -12.02
C ILE C 33 -2.21 12.86 -13.22
N ALA C 34 -1.71 13.16 -14.42
CA ALA C 34 -2.25 12.62 -15.65
C ALA C 34 -2.27 11.10 -15.63
N ASP C 35 -1.24 10.50 -15.03
CA ASP C 35 -1.11 9.05 -14.96
C ASP C 35 -2.31 8.40 -14.28
N GLN C 36 -2.88 9.11 -13.32
CA GLN C 36 -4.01 8.60 -12.54
C GLN C 36 -5.34 8.79 -13.24
N LEU C 37 -5.37 9.67 -14.23
CA LEU C 37 -6.61 10.02 -14.90
C LEU C 37 -6.69 9.43 -16.31
N ARG C 38 -5.56 9.38 -17.00
CA ARG C 38 -5.49 8.88 -18.37
C ARG C 38 -6.04 7.45 -18.50
N GLY C 39 -6.93 7.24 -19.46
CA GLY C 39 -7.47 5.93 -19.73
C GLY C 39 -8.68 5.60 -18.87
N LYS C 40 -9.07 6.52 -18.01
CA LYS C 40 -10.24 6.32 -17.17
C LYS C 40 -11.47 7.03 -17.74
N GLU C 41 -12.65 6.53 -17.39
CA GLU C 41 -13.89 7.10 -17.87
C GLU C 41 -14.57 7.94 -16.79
N PHE C 42 -15.18 9.04 -17.22
CA PHE C 42 -15.85 9.93 -16.28
C PHE C 42 -17.28 10.22 -16.76
N LYS C 43 -18.22 10.15 -15.83
CA LYS C 43 -19.63 10.26 -16.17
C LYS C 43 -20.04 11.70 -16.44
N SER C 44 -19.31 12.64 -15.85
CA SER C 44 -19.57 14.06 -16.04
C SER C 44 -18.32 14.87 -15.73
N TRP C 45 -18.35 16.17 -16.00
CA TRP C 45 -17.22 17.02 -15.69
C TRP C 45 -17.05 17.13 -14.19
N ARG C 46 -18.17 17.21 -13.47
CA ARG C 46 -18.16 17.23 -12.02
C ARG C 46 -17.47 15.99 -11.48
N ASP C 47 -17.71 14.86 -12.13
CA ASP C 47 -17.06 13.60 -11.76
C ASP C 47 -15.56 13.68 -11.98
N PHE C 48 -15.16 14.24 -13.12
CA PHE C 48 -13.74 14.38 -13.43
C PHE C 48 -13.04 15.32 -12.45
N ARG C 49 -13.71 16.43 -12.14
CA ARG C 49 -13.17 17.42 -11.22
C ARG C 49 -12.89 16.81 -9.85
N GLU C 50 -13.82 16.00 -9.36
CA GLU C 50 -13.64 15.33 -8.08
C GLU C 50 -12.45 14.38 -8.13
N GLN C 51 -12.36 13.62 -9.21
CA GLN C 51 -11.29 12.64 -9.36
C GLN C 51 -9.94 13.32 -9.53
N PHE C 52 -9.94 14.50 -10.15
CA PHE C 52 -8.71 15.23 -10.38
C PHE C 52 -8.04 15.63 -9.07
N TRP C 53 -8.80 16.29 -8.19
CA TRP C 53 -8.25 16.74 -6.93
C TRP C 53 -7.89 15.56 -6.03
N MET C 54 -8.70 14.52 -6.06
CA MET C 54 -8.38 13.30 -5.32
C MET C 54 -7.05 12.71 -5.79
N ALA C 55 -6.75 12.88 -7.08
CA ALA C 55 -5.46 12.45 -7.60
C ALA C 55 -4.35 13.39 -7.12
N VAL C 56 -4.68 14.68 -7.03
CA VAL C 56 -3.76 15.66 -6.46
C VAL C 56 -3.44 15.29 -5.02
N SER C 57 -4.44 14.74 -4.32
CA SER C 57 -4.29 14.36 -2.91
C SER C 57 -3.38 13.15 -2.71
N LYS C 58 -3.12 12.41 -3.78
CA LYS C 58 -2.23 11.26 -3.71
C LYS C 58 -0.84 11.61 -4.24
N ASP C 59 -0.62 12.89 -4.50
CA ASP C 59 0.64 13.35 -5.05
C ASP C 59 1.43 14.15 -4.03
N PRO C 60 2.58 13.60 -3.58
CA PRO C 60 3.43 14.25 -2.58
C PRO C 60 3.93 15.62 -3.05
N SER C 61 4.23 15.77 -4.34
CA SER C 61 4.73 17.03 -4.87
C SER C 61 3.71 18.15 -4.71
N ALA C 62 2.43 17.78 -4.62
CA ALA C 62 1.36 18.75 -4.43
C ALA C 62 1.04 18.92 -2.95
N LEU C 63 0.96 17.80 -2.24
CA LEU C 63 0.61 17.79 -0.82
C LEU C 63 1.54 18.62 0.03
N GLU C 64 2.84 18.50 -0.23
CA GLU C 64 3.85 19.17 0.59
C GLU C 64 3.73 20.69 0.53
N ASN C 65 3.17 21.20 -0.55
CA ASN C 65 3.03 22.64 -0.73
C ASN C 65 1.62 23.13 -0.43
N LEU C 66 0.81 22.26 0.16
CA LEU C 66 -0.52 22.63 0.59
C LEU C 66 -0.62 22.60 2.12
N SER C 67 -1.45 23.50 2.66
CA SER C 67 -1.75 23.53 4.08
C SER C 67 -2.54 22.28 4.47
N PRO C 68 -2.45 21.89 5.76
CA PRO C 68 -3.22 20.74 6.25
C PRO C 68 -4.70 20.82 5.88
N SER C 69 -5.25 22.03 5.88
CA SER C 69 -6.66 22.22 5.51
C SER C 69 -6.89 21.91 4.02
N ASN C 70 -6.04 22.46 3.15
CA ASN C 70 -6.16 22.17 1.73
C ASN C 70 -5.89 20.71 1.41
N ARG C 71 -5.07 20.05 2.23
CA ARG C 71 -4.79 18.63 2.06
C ARG C 71 -6.04 17.79 2.31
N TYR C 72 -6.81 18.18 3.33
CA TYR C 72 -8.06 17.49 3.62
C TYR C 72 -9.06 17.68 2.49
N PHE C 73 -9.15 18.91 1.98
CA PHE C 73 -10.10 19.23 0.94
C PHE C 73 -9.86 18.40 -0.33
N VAL C 74 -8.64 18.39 -0.82
CA VAL C 74 -8.34 17.62 -2.03
C VAL C 74 -8.53 16.13 -1.80
N SER C 75 -8.39 15.69 -0.56
CA SER C 75 -8.60 14.28 -0.21
C SER C 75 -10.07 13.91 -0.32
N GLN C 76 -10.95 14.91 -0.30
CA GLN C 76 -12.39 14.69 -0.41
C GLN C 76 -12.90 15.01 -1.81
N GLY C 77 -11.97 15.30 -2.72
CA GLY C 77 -12.32 15.65 -4.09
C GLY C 77 -12.74 17.09 -4.22
N LEU C 78 -12.45 17.90 -3.22
CA LEU C 78 -12.82 19.31 -3.24
C LEU C 78 -11.66 20.17 -3.72
N ALA C 79 -11.96 21.20 -4.50
CA ALA C 79 -10.94 22.13 -4.97
C ALA C 79 -10.31 22.87 -3.80
N PRO C 80 -8.98 23.01 -3.80
CA PRO C 80 -8.27 23.75 -2.76
C PRO C 80 -8.43 25.26 -2.94
N TYR C 81 -8.21 26.01 -1.88
CA TYR C 81 -8.35 27.45 -1.92
C TYR C 81 -7.01 28.14 -2.18
N ALA C 82 -7.03 29.18 -3.01
CA ALA C 82 -5.82 29.95 -3.27
C ALA C 82 -5.61 31.00 -2.20
N VAL C 83 -4.43 31.62 -2.20
CA VAL C 83 -4.12 32.71 -1.27
C VAL C 83 -5.10 33.86 -1.51
N PRO C 84 -5.39 34.64 -0.45
CA PRO C 84 -6.31 35.78 -0.55
C PRO C 84 -5.93 36.76 -1.65
N GLU C 85 -4.63 36.92 -1.87
CA GLU C 85 -4.12 37.83 -2.87
C GLU C 85 -4.57 37.45 -4.28
N GLU C 86 -4.91 36.17 -4.47
CA GLU C 86 -5.30 35.66 -5.78
C GLU C 86 -6.81 35.43 -5.89
N HIS C 87 -7.55 35.89 -4.89
CA HIS C 87 -9.01 35.78 -4.92
C HIS C 87 -9.62 36.78 -5.91
N LEU C 88 -10.86 36.54 -6.29
CA LEU C 88 -11.62 37.46 -7.13
C LEU C 88 -13.02 37.60 -6.56
N GLY C 89 -13.17 38.52 -5.60
CA GLY C 89 -14.42 38.64 -4.86
C GLY C 89 -14.67 37.37 -4.05
N SER C 90 -15.79 36.70 -4.34
CA SER C 90 -16.15 35.49 -3.62
C SER C 90 -15.55 34.24 -4.27
N LYS C 91 -14.86 34.42 -5.39
CA LYS C 91 -14.18 33.31 -6.06
C LYS C 91 -12.81 33.13 -5.44
N GLU C 92 -12.56 31.95 -4.87
CA GLU C 92 -11.36 31.73 -4.08
C GLU C 92 -10.62 30.42 -4.38
N LYS C 93 -11.32 29.50 -5.05
CA LYS C 93 -10.77 28.17 -5.29
C LYS C 93 -9.87 28.11 -6.52
N PHE C 94 -8.87 27.22 -6.48
CA PHE C 94 -8.14 26.87 -7.69
C PHE C 94 -9.12 26.31 -8.70
N GLU C 95 -8.93 26.63 -9.97
CA GLU C 95 -9.91 26.24 -10.98
C GLU C 95 -9.28 25.46 -12.12
N ILE C 96 -9.95 24.40 -12.54
CA ILE C 96 -9.59 23.69 -13.76
C ILE C 96 -10.21 24.38 -14.95
N HIS C 97 -9.39 24.72 -15.94
CA HIS C 97 -9.89 25.40 -17.13
C HIS C 97 -9.33 24.80 -18.41
N HIS C 98 -10.17 24.76 -19.43
CA HIS C 98 -9.75 24.33 -20.75
C HIS C 98 -9.07 25.49 -21.46
N VAL C 99 -7.89 25.25 -22.02
CA VAL C 99 -7.15 26.28 -22.73
C VAL C 99 -7.94 26.73 -23.95
N VAL C 100 -8.37 25.78 -24.76
CA VAL C 100 -9.25 26.07 -25.89
C VAL C 100 -10.64 25.46 -25.65
N PRO C 101 -11.69 26.29 -25.79
CA PRO C 101 -13.07 25.85 -25.53
C PRO C 101 -13.56 24.78 -26.51
N LEU C 102 -14.67 24.13 -26.18
CA LEU C 102 -15.18 23.01 -26.97
C LEU C 102 -15.64 23.42 -28.36
N GLU C 103 -15.98 24.70 -28.52
CA GLU C 103 -16.47 25.19 -29.80
C GLU C 103 -15.36 25.85 -30.62
N SER C 104 -14.12 25.64 -30.20
CA SER C 104 -12.98 26.25 -30.87
C SER C 104 -11.74 25.40 -31.27
N GLY C 105 -11.71 24.07 -31.15
CA GLY C 105 -12.72 23.20 -30.56
C GLY C 105 -12.05 22.17 -29.67
N GLY C 106 -11.73 22.57 -28.45
CA GLY C 106 -11.02 21.72 -27.52
C GLY C 106 -11.80 20.50 -27.07
N ALA C 107 -11.09 19.51 -26.53
CA ALA C 107 -11.71 18.30 -26.03
C ALA C 107 -12.02 18.43 -24.53
N LEU C 108 -13.12 17.82 -24.11
CA LEU C 108 -13.63 17.97 -22.76
C LEU C 108 -12.72 17.32 -21.70
N TYR C 109 -12.20 16.14 -22.02
CA TYR C 109 -11.37 15.42 -21.06
C TYR C 109 -9.93 15.25 -21.54
N ASN C 110 -9.47 16.18 -22.36
CA ASN C 110 -8.08 16.19 -22.77
C ASN C 110 -7.20 16.88 -21.74
N ILE C 111 -6.45 16.08 -20.99
CA ILE C 111 -5.60 16.57 -19.92
C ILE C 111 -4.58 17.60 -20.42
N ASP C 112 -4.14 17.43 -21.66
CA ASP C 112 -3.18 18.37 -22.26
C ASP C 112 -3.85 19.70 -22.60
N ASN C 113 -5.17 19.74 -22.50
CA ASN C 113 -5.93 20.96 -22.77
C ASN C 113 -6.34 21.64 -21.47
N LEU C 114 -5.89 21.10 -20.34
CA LEU C 114 -6.27 21.60 -19.03
C LEU C 114 -5.12 22.32 -18.34
N VAL C 115 -5.45 23.41 -17.66
CA VAL C 115 -4.50 24.12 -16.80
C VAL C 115 -5.17 24.52 -15.49
N ILE C 116 -4.38 24.72 -14.45
CA ILE C 116 -4.90 25.21 -13.18
C ILE C 116 -4.60 26.70 -13.04
N VAL C 117 -5.61 27.49 -12.71
CA VAL C 117 -5.44 28.93 -12.53
C VAL C 117 -6.12 29.42 -11.27
N THR C 118 -5.61 30.53 -10.72
CA THR C 118 -6.27 31.19 -9.61
C THR C 118 -7.41 32.04 -10.15
N PRO C 119 -8.42 32.34 -9.31
CA PRO C 119 -9.53 33.19 -9.77
C PRO C 119 -9.04 34.53 -10.31
N LYS C 120 -8.02 35.10 -9.68
CA LYS C 120 -7.45 36.36 -10.13
C LYS C 120 -6.82 36.22 -11.51
N ARG C 121 -5.95 35.23 -11.67
CA ARG C 121 -5.24 35.03 -12.93
C ARG C 121 -6.21 34.72 -14.08
N HIS C 122 -7.27 33.99 -13.77
CA HIS C 122 -8.28 33.65 -14.76
C HIS C 122 -8.91 34.90 -15.37
N SER C 123 -9.20 35.89 -14.53
CA SER C 123 -9.76 37.14 -15.01
C SER C 123 -8.75 37.91 -15.86
N GLU C 124 -7.49 37.86 -15.44
CA GLU C 124 -6.42 38.54 -16.17
C GLU C 124 -6.18 37.90 -17.53
N ILE C 125 -6.34 36.58 -17.60
CA ILE C 125 -6.25 35.85 -18.85
C ILE C 125 -7.36 36.30 -19.79
N HIS C 126 -8.58 36.34 -19.26
CA HIS C 126 -9.75 36.74 -20.02
C HIS C 126 -9.59 38.14 -20.60
N LYS C 127 -8.97 39.04 -19.83
CA LYS C 127 -8.76 40.41 -20.27
C LYS C 127 -7.73 40.51 -21.38
N GLU C 128 -6.81 39.54 -21.42
CA GLU C 128 -5.76 39.53 -22.44
C GLU C 128 -6.27 38.92 -23.76
N LEU C 129 -7.53 38.48 -23.76
CA LEU C 129 -8.13 37.89 -24.94
C LEU C 129 -9.06 38.89 -25.64
N LYS D 4 -24.24 32.20 15.91
CA LYS D 4 -24.83 32.01 14.59
C LYS D 4 -24.68 33.25 13.72
N ASN D 5 -25.25 34.37 14.16
CA ASN D 5 -25.22 35.60 13.38
C ASN D 5 -23.92 36.38 13.56
N ASN D 6 -23.39 36.40 14.78
CA ASN D 6 -22.14 37.11 15.07
C ASN D 6 -21.15 36.20 15.79
N LEU D 7 -19.89 36.64 15.84
CA LEU D 7 -18.84 35.85 16.49
C LEU D 7 -19.09 35.77 18.00
N SER D 8 -19.59 36.87 18.56
CA SER D 8 -19.87 36.93 20.00
C SER D 8 -21.01 35.99 20.39
N ASP D 9 -21.73 35.46 19.40
CA ASP D 9 -22.76 34.46 19.65
C ASP D 9 -22.11 33.09 19.85
N TYR D 10 -20.83 32.99 19.50
CA TYR D 10 -20.08 31.75 19.64
C TYR D 10 -19.22 31.72 20.90
N THR D 11 -19.20 30.57 21.58
CA THR D 11 -18.15 30.32 22.55
C THR D 11 -16.95 29.83 21.76
N GLU D 12 -15.76 29.88 22.36
CA GLU D 12 -14.55 29.47 21.66
C GLU D 12 -14.62 28.00 21.26
N SER D 13 -15.18 27.18 22.15
CA SER D 13 -15.33 25.76 21.88
C SER D 13 -16.30 25.49 20.72
N GLU D 14 -17.38 26.26 20.67
CA GLU D 14 -18.38 26.11 19.61
C GLU D 14 -17.82 26.50 18.25
N PHE D 15 -17.01 27.54 18.23
CA PHE D 15 -16.41 28.02 16.99
C PHE D 15 -15.32 27.07 16.51
N LEU D 16 -14.57 26.52 17.47
CA LEU D 16 -13.56 25.51 17.18
C LEU D 16 -14.19 24.31 16.49
N GLU D 17 -15.42 23.98 16.90
CA GLU D 17 -16.18 22.89 16.33
C GLU D 17 -16.38 23.05 14.82
N ILE D 18 -16.64 24.28 14.40
CA ILE D 18 -16.80 24.60 12.99
C ILE D 18 -15.47 24.50 12.24
N ILE D 19 -14.42 25.04 12.86
CA ILE D 19 -13.10 25.06 12.24
C ILE D 19 -12.56 23.64 12.01
N GLU D 20 -12.85 22.73 12.93
CA GLU D 20 -12.40 21.35 12.82
C GLU D 20 -12.95 20.68 11.56
N GLU D 21 -14.06 21.20 11.06
CA GLU D 21 -14.71 20.63 9.88
C GLU D 21 -13.89 20.90 8.62
N PHE D 22 -12.94 21.81 8.72
CA PHE D 22 -12.02 22.09 7.62
C PHE D 22 -10.84 21.13 7.59
N PHE D 23 -10.87 20.12 8.47
CA PHE D 23 -9.78 19.15 8.57
C PHE D 23 -10.30 17.72 8.58
N LYS D 24 -11.58 17.56 8.89
CA LYS D 24 -12.21 16.24 8.96
C LYS D 24 -13.61 16.29 8.35
N ASN D 25 -14.14 15.12 8.03
CA ASN D 25 -15.49 15.03 7.49
C ASN D 25 -16.52 14.81 8.58
N LYS D 26 -16.83 15.87 9.32
CA LYS D 26 -17.80 15.80 10.40
C LYS D 26 -19.21 15.52 9.89
N SER D 27 -19.57 16.19 8.80
CA SER D 27 -20.93 16.11 8.25
C SER D 27 -21.21 14.75 7.65
N GLY D 28 -20.19 14.13 7.08
CA GLY D 28 -20.34 12.85 6.41
C GLY D 28 -20.73 13.02 4.95
N LEU D 29 -20.95 14.27 4.57
CA LEU D 29 -21.35 14.60 3.20
C LEU D 29 -20.24 14.31 2.21
N LYS D 30 -20.61 14.03 0.97
CA LYS D 30 -19.64 13.74 -0.07
C LYS D 30 -19.93 14.53 -1.34
N GLY D 31 -18.92 14.65 -2.19
CA GLY D 31 -19.06 15.27 -3.50
C GLY D 31 -19.53 16.71 -3.48
N SER D 32 -20.54 17.00 -4.28
CA SER D 32 -21.04 18.36 -4.44
C SER D 32 -21.72 18.88 -3.17
N GLU D 33 -22.39 18.00 -2.44
CA GLU D 33 -23.08 18.41 -1.22
C GLU D 33 -22.10 18.81 -0.13
N LEU D 34 -20.98 18.09 -0.05
CA LEU D 34 -19.94 18.41 0.91
C LEU D 34 -19.33 19.76 0.56
N GLU D 35 -19.09 19.98 -0.73
CA GLU D 35 -18.45 21.21 -1.18
C GLU D 35 -19.32 22.43 -0.90
N LYS D 36 -20.63 22.29 -1.11
CA LYS D 36 -21.54 23.41 -0.89
C LYS D 36 -21.68 23.72 0.60
N ARG D 37 -21.50 22.71 1.44
CA ARG D 37 -21.48 22.95 2.88
C ARG D 37 -20.20 23.68 3.28
N MET D 38 -19.07 23.24 2.75
CA MET D 38 -17.80 23.88 3.06
C MET D 38 -17.77 25.30 2.48
N ASP D 39 -18.39 25.47 1.31
CA ASP D 39 -18.56 26.81 0.73
C ASP D 39 -19.27 27.72 1.73
N LYS D 40 -20.35 27.21 2.31
CA LYS D 40 -21.13 27.97 3.28
C LYS D 40 -20.34 28.30 4.53
N LEU D 41 -19.53 27.33 4.99
CA LEU D 41 -18.76 27.51 6.22
C LEU D 41 -17.64 28.53 6.02
N VAL D 42 -16.99 28.50 4.86
CA VAL D 42 -15.94 29.45 4.53
C VAL D 42 -16.45 30.89 4.53
N LYS D 43 -17.56 31.11 3.82
CA LYS D 43 -18.08 32.47 3.68
C LYS D 43 -18.66 32.93 5.00
N HIS D 44 -19.16 31.99 5.81
CA HIS D 44 -19.61 32.32 7.15
C HIS D 44 -18.44 32.71 8.04
N PHE D 45 -17.35 31.96 7.93
CA PHE D 45 -16.12 32.26 8.66
C PHE D 45 -15.66 33.69 8.37
N GLU D 46 -15.56 34.03 7.09
CA GLU D 46 -15.13 35.36 6.68
C GLU D 46 -16.08 36.44 7.16
N GLU D 47 -17.37 36.11 7.20
CA GLU D 47 -18.39 37.07 7.60
C GLU D 47 -18.30 37.44 9.08
N VAL D 48 -18.24 36.44 9.94
CA VAL D 48 -18.32 36.68 11.38
C VAL D 48 -17.00 37.12 12.00
N THR D 49 -15.88 36.71 11.41
CA THR D 49 -14.58 37.09 11.96
C THR D 49 -14.13 38.46 11.45
N SER D 50 -14.57 38.80 10.25
CA SER D 50 -14.15 40.02 9.56
C SER D 50 -12.63 40.11 9.38
N HIS D 51 -11.96 38.96 9.40
CA HIS D 51 -10.51 38.91 9.25
C HIS D 51 -10.11 39.33 7.83
N PRO D 52 -9.06 40.18 7.71
CA PRO D 52 -8.60 40.71 6.43
C PRO D 52 -8.14 39.62 5.46
N ARG D 53 -7.55 38.55 6.00
CA ARG D 53 -7.04 37.46 5.16
C ARG D 53 -8.16 36.47 4.79
N LYS D 54 -9.36 36.71 5.30
CA LYS D 54 -10.54 35.89 5.00
C LYS D 54 -10.27 34.39 5.22
N SER D 55 -10.55 33.57 4.21
CA SER D 55 -10.34 32.14 4.30
C SER D 55 -8.84 31.78 4.37
N GLY D 56 -8.00 32.77 4.06
CA GLY D 56 -6.56 32.60 4.14
C GLY D 56 -6.10 32.15 5.52
N VAL D 57 -6.83 32.55 6.56
CA VAL D 57 -6.50 32.11 7.92
C VAL D 57 -6.56 30.59 8.01
N ILE D 58 -7.54 30.01 7.33
CA ILE D 58 -7.72 28.56 7.34
C ILE D 58 -6.80 27.85 6.35
N PHE D 59 -6.84 28.28 5.09
CA PHE D 59 -6.19 27.54 4.02
C PHE D 59 -4.74 27.97 3.75
N HIS D 60 -4.37 29.16 4.22
CA HIS D 60 -2.98 29.61 4.10
C HIS D 60 -2.48 30.22 5.40
N PRO D 61 -2.48 29.43 6.48
CA PRO D 61 -2.18 29.92 7.83
C PRO D 61 -0.72 30.27 8.03
N LYS D 62 -0.46 31.19 8.95
CA LYS D 62 0.90 31.50 9.39
C LYS D 62 1.51 30.26 10.04
N PRO D 63 2.84 30.14 9.99
CA PRO D 63 3.50 28.98 10.63
C PRO D 63 3.17 28.89 12.12
N GLY D 64 2.77 27.71 12.55
CA GLY D 64 2.37 27.50 13.94
C GLY D 64 0.87 27.58 14.14
N PHE D 65 0.16 28.19 13.19
CA PHE D 65 -1.28 28.40 13.32
C PHE D 65 -2.09 27.55 12.34
N GLU D 66 -1.51 26.43 11.90
CA GLU D 66 -2.11 25.61 10.86
C GLU D 66 -3.26 24.74 11.35
N THR D 67 -3.29 24.49 12.66
CA THR D 67 -4.27 23.59 13.25
C THR D 67 -5.54 24.37 13.61
N PRO D 68 -6.66 23.65 13.84
CA PRO D 68 -7.90 24.31 14.27
C PRO D 68 -7.69 25.26 15.45
N GLU D 69 -6.90 24.84 16.44
CA GLU D 69 -6.58 25.67 17.60
C GLU D 69 -5.86 26.95 17.20
N GLY D 70 -4.94 26.83 16.24
CA GLY D 70 -4.19 27.97 15.75
C GLY D 70 -5.05 28.96 15.01
N ILE D 71 -5.97 28.45 14.19
CA ILE D 71 -6.92 29.27 13.45
C ILE D 71 -7.79 30.09 14.42
N VAL D 72 -8.33 29.42 15.43
CA VAL D 72 -9.14 30.10 16.43
C VAL D 72 -8.33 31.16 17.16
N LYS D 73 -7.08 30.83 17.50
CA LYS D 73 -6.21 31.75 18.21
C LYS D 73 -5.86 32.97 17.36
N GLU D 74 -5.65 32.76 16.06
CA GLU D 74 -5.40 33.87 15.15
C GLU D 74 -6.61 34.79 15.08
N VAL D 75 -7.80 34.21 15.02
CA VAL D 75 -9.03 34.99 15.00
C VAL D 75 -9.16 35.78 16.31
N LYS D 76 -9.00 35.10 17.43
CA LYS D 76 -9.11 35.72 18.74
C LYS D 76 -8.13 36.88 18.89
N GLU D 77 -6.87 36.63 18.55
CA GLU D 77 -5.83 37.65 18.65
C GLU D 77 -6.08 38.86 17.74
N TRP D 78 -6.48 38.60 16.50
CA TRP D 78 -6.69 39.71 15.58
C TRP D 78 -7.85 40.59 16.00
N ARG D 79 -8.94 39.97 16.44
CA ARG D 79 -10.12 40.72 16.85
C ARG D 79 -9.85 41.52 18.12
N ALA D 80 -9.06 40.96 19.02
CA ALA D 80 -8.67 41.69 20.23
C ALA D 80 -7.82 42.90 19.87
N ALA D 81 -6.94 42.72 18.89
CA ALA D 81 -6.03 43.79 18.46
C ALA D 81 -6.77 44.91 17.75
N ASN D 82 -7.98 44.62 17.29
CA ASN D 82 -8.76 45.63 16.56
C ASN D 82 -9.93 46.16 17.39
N GLY D 83 -9.97 45.78 18.66
CA GLY D 83 -11.00 46.26 19.57
C GLY D 83 -12.38 45.71 19.25
N LEU D 84 -12.40 44.50 18.71
CA LEU D 84 -13.66 43.85 18.34
C LEU D 84 -14.09 42.86 19.41
N PRO D 85 -15.41 42.68 19.58
CA PRO D 85 -15.92 41.71 20.55
C PRO D 85 -15.43 40.29 20.27
N GLY D 86 -15.05 39.57 21.34
CA GLY D 86 -14.54 38.23 21.21
C GLY D 86 -15.61 37.18 21.42
N PHE D 87 -15.17 35.94 21.66
CA PHE D 87 -16.09 34.83 21.82
C PHE D 87 -16.91 34.92 23.10
N LYS D 88 -18.07 34.28 23.09
CA LYS D 88 -18.91 34.17 24.27
C LYS D 88 -18.16 33.38 25.34
N ALA D 89 -18.42 33.72 26.60
CA ALA D 89 -17.80 33.01 27.72
C ALA D 89 -18.66 31.83 28.16
N GLY D 90 -18.04 30.67 28.33
CA GLY D 90 -16.62 30.51 28.13
C GLY D 90 -16.09 29.22 28.75
N ASP E 1 -19.82 -31.44 -5.05
CA ASP E 1 -19.21 -32.38 -4.12
C ASP E 1 -19.67 -33.81 -4.40
N GLU E 2 -18.71 -34.72 -4.48
CA GLU E 2 -18.99 -36.12 -4.78
C GLU E 2 -17.90 -37.01 -4.21
N PRO E 3 -18.16 -38.32 -4.09
CA PRO E 3 -17.11 -39.26 -3.69
C PRO E 3 -15.91 -39.19 -4.62
N GLY E 4 -14.74 -39.63 -4.16
CA GLY E 4 -13.56 -39.62 -4.99
C GLY E 4 -12.32 -40.22 -4.36
N VAL E 5 -11.23 -40.23 -5.11
CA VAL E 5 -9.96 -40.74 -4.62
C VAL E 5 -8.91 -39.64 -4.65
N ALA E 6 -8.18 -39.48 -3.55
CA ALA E 6 -7.15 -38.45 -3.46
C ALA E 6 -5.92 -38.81 -4.31
N THR E 7 -5.37 -37.79 -4.96
CA THR E 7 -4.13 -37.92 -5.74
C THR E 7 -3.19 -36.77 -5.39
N GLY E 8 -1.94 -36.87 -5.81
CA GLY E 8 -0.99 -35.79 -5.62
C GLY E 8 0.05 -36.07 -4.55
N ASN E 9 1.15 -35.33 -4.58
CA ASN E 9 2.27 -35.61 -3.68
C ASN E 9 2.52 -34.53 -2.65
N GLY E 10 1.91 -33.36 -2.86
CA GLY E 10 2.16 -32.23 -1.99
C GLY E 10 3.56 -31.68 -2.19
N GLN E 11 4.05 -30.95 -1.20
CA GLN E 11 5.38 -30.35 -1.29
C GLN E 11 6.20 -30.67 -0.04
N PRO E 12 7.52 -30.80 -0.21
CA PRO E 12 8.38 -31.06 0.96
C PRO E 12 8.62 -29.80 1.78
N VAL E 13 7.78 -29.58 2.80
CA VAL E 13 7.91 -28.40 3.65
C VAL E 13 8.51 -28.79 5.01
N THR E 14 9.17 -27.81 5.65
CA THR E 14 9.76 -28.04 6.95
C THR E 14 9.44 -26.89 7.90
N GLY E 15 9.56 -27.16 9.20
CA GLY E 15 9.29 -26.14 10.20
C GLY E 15 7.82 -25.82 10.35
N ASN E 16 7.54 -24.60 10.78
CA ASN E 16 6.17 -24.14 11.02
C ASN E 16 5.44 -23.93 9.70
N TRP E 17 4.83 -24.99 9.18
CA TRP E 17 4.23 -24.92 7.86
C TRP E 17 2.95 -24.08 7.85
N LEU E 18 2.23 -24.05 8.97
CA LEU E 18 0.97 -23.30 9.03
C LEU E 18 1.19 -21.81 9.19
N ALA E 19 2.45 -21.40 9.35
CA ALA E 19 2.79 -19.99 9.49
C ALA E 19 2.60 -19.26 8.17
N GLY E 20 2.86 -19.96 7.07
CA GLY E 20 2.75 -19.35 5.76
C GLY E 20 1.33 -19.33 5.23
N ALA E 21 0.41 -19.93 5.99
CA ALA E 21 -1.00 -19.95 5.61
C ALA E 21 -1.57 -18.53 5.57
N SER E 22 -0.90 -17.63 6.28
CA SER E 22 -1.32 -16.23 6.34
C SER E 22 -0.53 -15.37 5.35
N GLN E 23 0.29 -16.02 4.54
CA GLN E 23 1.13 -15.32 3.57
C GLN E 23 0.89 -15.82 2.15
N GLY E 24 1.03 -14.94 1.17
CA GLY E 24 0.93 -15.29 -0.24
C GLY E 24 -0.38 -15.95 -0.62
N ASP E 25 -0.28 -17.12 -1.26
CA ASP E 25 -1.46 -17.86 -1.68
C ASP E 25 -1.77 -19.00 -0.71
N GLY E 26 -1.22 -18.91 0.50
CA GLY E 26 -1.36 -19.99 1.46
C GLY E 26 -0.23 -21.00 1.30
N VAL E 27 -0.25 -22.04 2.13
CA VAL E 27 0.79 -23.06 2.08
C VAL E 27 0.31 -24.35 1.45
N PRO E 28 1.16 -24.96 0.62
CA PRO E 28 0.82 -26.27 0.04
C PRO E 28 0.85 -27.36 1.10
N ILE E 29 0.30 -28.52 0.76
CA ILE E 29 0.21 -29.63 1.69
C ILE E 29 1.56 -30.34 1.82
N PRO E 30 2.02 -30.57 3.06
CA PRO E 30 3.26 -31.31 3.30
C PRO E 30 3.23 -32.71 2.70
N SER E 31 4.33 -33.11 2.06
CA SER E 31 4.40 -34.40 1.40
C SER E 31 4.04 -35.56 2.32
N GLN E 32 4.49 -35.51 3.57
CA GLN E 32 4.24 -36.60 4.51
C GLN E 32 2.75 -36.69 4.85
N ILE E 33 2.04 -35.58 4.75
CA ILE E 33 0.59 -35.59 4.94
C ILE E 33 -0.09 -36.18 3.71
N ALA E 34 0.32 -35.71 2.54
CA ALA E 34 -0.20 -36.19 1.27
C ALA E 34 -0.03 -37.70 1.11
N ASP E 35 1.04 -38.23 1.70
CA ASP E 35 1.33 -39.67 1.61
C ASP E 35 0.36 -40.50 2.44
N GLN E 36 -0.26 -39.86 3.42
CA GLN E 36 -1.27 -40.52 4.26
C GLN E 36 -2.64 -40.52 3.60
N LEU E 37 -2.81 -39.67 2.59
CA LEU E 37 -4.12 -39.49 1.99
C LEU E 37 -4.21 -40.04 0.57
N ARG E 38 -3.11 -39.92 -0.16
CA ARG E 38 -3.09 -40.33 -1.56
C ARG E 38 -3.49 -41.79 -1.75
N GLY E 39 -4.44 -42.01 -2.66
CA GLY E 39 -4.88 -43.35 -2.98
C GLY E 39 -6.07 -43.81 -2.16
N LYS E 40 -6.39 -43.05 -1.12
CA LYS E 40 -7.54 -43.39 -0.27
C LYS E 40 -8.84 -42.92 -0.90
N GLU E 41 -9.92 -43.65 -0.63
CA GLU E 41 -11.25 -43.28 -1.09
C GLU E 41 -11.93 -42.38 -0.06
N PHE E 42 -12.66 -41.37 -0.53
CA PHE E 42 -13.38 -40.47 0.35
C PHE E 42 -14.82 -40.31 -0.11
N LYS E 43 -15.76 -40.32 0.83
CA LYS E 43 -17.18 -40.28 0.51
C LYS E 43 -17.65 -38.88 0.13
N SER E 44 -16.96 -37.87 0.62
CA SER E 44 -17.34 -36.48 0.37
C SER E 44 -16.19 -35.54 0.71
N TRP E 45 -16.39 -34.26 0.49
CA TRP E 45 -15.37 -33.29 0.85
C TRP E 45 -15.25 -33.17 2.38
N ARG E 46 -16.38 -33.28 3.07
CA ARG E 46 -16.37 -33.27 4.53
C ARG E 46 -15.54 -34.45 5.05
N ASP E 47 -15.70 -35.61 4.41
CA ASP E 47 -14.97 -36.81 4.77
C ASP E 47 -13.46 -36.59 4.63
N PHE E 48 -13.06 -36.07 3.48
CA PHE E 48 -11.65 -35.77 3.22
C PHE E 48 -11.10 -34.78 4.26
N ARG E 49 -11.84 -33.70 4.49
CA ARG E 49 -11.44 -32.66 5.42
C ARG E 49 -11.11 -33.23 6.80
N GLU E 50 -12.00 -34.09 7.31
CA GLU E 50 -11.81 -34.74 8.59
C GLU E 50 -10.56 -35.61 8.59
N GLN E 51 -10.43 -36.46 7.58
CA GLN E 51 -9.26 -37.34 7.52
C GLN E 51 -7.97 -36.53 7.30
N PHE E 52 -8.09 -35.39 6.63
CA PHE E 52 -6.94 -34.52 6.43
C PHE E 52 -6.33 -34.09 7.77
N TRP E 53 -7.14 -33.50 8.64
CA TRP E 53 -6.63 -32.99 9.90
C TRP E 53 -6.18 -34.12 10.83
N MET E 54 -6.87 -35.25 10.79
CA MET E 54 -6.45 -36.42 11.56
C MET E 54 -5.03 -36.86 11.16
N ALA E 55 -4.70 -36.70 9.88
CA ALA E 55 -3.38 -37.02 9.39
C ALA E 55 -2.34 -36.03 9.91
N VAL E 56 -2.74 -34.76 9.95
CA VAL E 56 -1.92 -33.74 10.59
C VAL E 56 -1.63 -34.14 12.04
N SER E 57 -2.63 -34.72 12.70
CA SER E 57 -2.49 -35.11 14.09
C SER E 57 -1.60 -36.34 14.26
N LYS E 58 -1.25 -36.98 13.15
CA LYS E 58 -0.36 -38.14 13.19
C LYS E 58 1.05 -37.78 12.73
N ASP E 59 1.28 -36.50 12.50
CA ASP E 59 2.59 -36.03 12.07
C ASP E 59 3.18 -35.03 13.06
N PRO E 60 4.21 -35.47 13.81
CA PRO E 60 4.86 -34.63 14.83
C PRO E 60 5.36 -33.31 14.27
N SER E 61 5.87 -33.33 13.04
CA SER E 61 6.33 -32.12 12.37
C SER E 61 5.20 -31.10 12.23
N ALA E 62 4.03 -31.59 11.84
CA ALA E 62 2.87 -30.72 11.62
C ALA E 62 2.20 -30.36 12.94
N LEU E 63 2.42 -31.19 13.97
CA LEU E 63 1.83 -30.96 15.27
C LEU E 63 2.62 -29.97 16.11
N GLU E 64 3.93 -29.96 15.90
CA GLU E 64 4.87 -29.28 16.80
C GLU E 64 4.49 -27.84 17.14
N ASN E 65 3.95 -27.12 16.16
CA ASN E 65 3.62 -25.71 16.37
C ASN E 65 2.16 -25.47 16.68
N LEU E 66 1.41 -26.54 16.95
CA LEU E 66 0.04 -26.40 17.39
C LEU E 66 -0.06 -26.46 18.91
N SER E 67 -0.90 -25.59 19.46
CA SER E 67 -1.21 -25.60 20.89
C SER E 67 -1.90 -26.91 21.25
N PRO E 68 -1.91 -27.27 22.54
CA PRO E 68 -2.59 -28.49 22.98
C PRO E 68 -4.04 -28.57 22.52
N SER E 69 -4.73 -27.44 22.54
CA SER E 69 -6.14 -27.41 22.13
C SER E 69 -6.28 -27.68 20.63
N ASN E 70 -5.46 -27.02 19.82
CA ASN E 70 -5.49 -27.29 18.38
C ASN E 70 -5.04 -28.71 18.06
N ARG E 71 -4.19 -29.29 18.91
CA ARG E 71 -3.76 -30.68 18.71
C ARG E 71 -4.90 -31.65 18.97
N TYR E 72 -5.72 -31.35 19.98
CA TYR E 72 -6.88 -32.18 20.25
C TYR E 72 -7.87 -32.11 19.09
N PHE E 73 -8.14 -30.89 18.62
CA PHE E 73 -9.09 -30.67 17.54
C PHE E 73 -8.74 -31.46 16.29
N VAL E 74 -7.49 -31.35 15.82
CA VAL E 74 -7.11 -32.06 14.61
C VAL E 74 -7.15 -33.58 14.81
N SER E 75 -7.00 -34.03 16.05
CA SER E 75 -7.06 -35.46 16.34
C SER E 75 -8.48 -35.99 16.19
N GLN E 76 -9.46 -35.08 16.23
CA GLN E 76 -10.86 -35.45 16.06
C GLN E 76 -11.35 -35.13 14.66
N GLY E 77 -10.43 -34.69 13.80
CA GLY E 77 -10.79 -34.31 12.44
C GLY E 77 -11.36 -32.92 12.34
N LEU E 78 -11.17 -32.12 13.39
CA LEU E 78 -11.65 -30.75 13.41
C LEU E 78 -10.57 -29.81 12.92
N ALA E 79 -10.94 -28.82 12.13
CA ALA E 79 -9.97 -27.83 11.66
C ALA E 79 -9.46 -27.01 12.85
N PRO E 80 -8.15 -26.74 12.89
CA PRO E 80 -7.57 -25.94 13.97
C PRO E 80 -7.88 -24.46 13.79
N TYR E 81 -7.73 -23.69 14.87
CA TYR E 81 -8.03 -22.26 14.83
C TYR E 81 -6.75 -21.45 14.63
N ALA E 82 -6.84 -20.42 13.78
CA ALA E 82 -5.73 -19.52 13.58
C ALA E 82 -5.70 -18.45 14.67
N VAL E 83 -4.64 -17.64 14.69
CA VAL E 83 -4.51 -16.59 15.69
C VAL E 83 -5.58 -15.53 15.47
N PRO E 84 -6.00 -14.83 16.56
CA PRO E 84 -7.04 -13.81 16.46
C PRO E 84 -6.74 -12.74 15.41
N GLU E 85 -5.46 -12.45 15.23
CA GLU E 85 -5.02 -11.46 14.26
C GLU E 85 -5.32 -11.91 12.83
N GLU E 86 -5.55 -13.21 12.65
CA GLU E 86 -5.81 -13.75 11.31
C GLU E 86 -7.28 -14.13 11.12
N HIS E 87 -8.11 -13.78 12.09
CA HIS E 87 -9.54 -14.02 12.01
C HIS E 87 -10.24 -13.04 11.07
N LEU E 88 -11.44 -13.40 10.63
CA LEU E 88 -12.29 -12.51 9.88
C LEU E 88 -13.70 -12.60 10.44
N GLY E 89 -13.97 -11.84 11.50
CA GLY E 89 -15.22 -11.93 12.21
C GLY E 89 -15.38 -13.29 12.87
N SER E 90 -16.43 -14.02 12.49
CA SER E 90 -16.69 -15.34 13.04
C SER E 90 -15.87 -16.43 12.35
N LYS E 91 -15.16 -16.06 11.30
CA LYS E 91 -14.31 -17.02 10.58
C LYS E 91 -12.94 -17.07 11.22
N GLU E 92 -12.62 -18.18 11.86
CA GLU E 92 -11.40 -18.26 12.66
C GLU E 92 -10.53 -19.48 12.33
N LYS E 93 -11.09 -20.46 11.63
CA LYS E 93 -10.38 -21.70 11.35
C LYS E 93 -9.44 -21.60 10.16
N PHE E 94 -8.33 -22.33 10.22
CA PHE E 94 -7.54 -22.60 9.04
C PHE E 94 -8.44 -23.25 8.00
N GLU E 95 -8.30 -22.86 6.74
CA GLU E 95 -9.19 -23.36 5.70
C GLU E 95 -8.42 -24.08 4.59
N ILE E 96 -9.01 -25.18 4.11
CA ILE E 96 -8.49 -25.86 2.93
C ILE E 96 -9.19 -25.30 1.69
N HIS E 97 -8.41 -24.70 0.79
CA HIS E 97 -8.99 -24.17 -0.45
C HIS E 97 -8.31 -24.75 -1.68
N HIS E 98 -9.00 -24.69 -2.81
CA HIS E 98 -8.46 -25.17 -4.07
C HIS E 98 -7.75 -24.05 -4.83
N VAL E 99 -6.53 -24.32 -5.25
CA VAL E 99 -5.74 -23.34 -6.00
C VAL E 99 -6.41 -23.05 -7.33
N VAL E 100 -6.55 -24.10 -8.14
CA VAL E 100 -7.35 -24.03 -9.36
C VAL E 100 -8.80 -24.30 -8.99
N PRO E 101 -9.66 -23.28 -9.07
CA PRO E 101 -11.05 -23.41 -8.60
C PRO E 101 -11.82 -24.50 -9.33
N LEU E 102 -12.79 -25.09 -8.64
CA LEU E 102 -13.52 -26.24 -9.16
C LEU E 102 -14.29 -25.93 -10.44
N GLU E 103 -14.63 -24.66 -10.66
CA GLU E 103 -15.35 -24.28 -11.86
C GLU E 103 -14.40 -24.02 -13.02
N SER E 104 -13.12 -23.84 -12.71
CA SER E 104 -12.14 -23.50 -13.74
C SER E 104 -11.39 -24.58 -14.55
N GLY E 105 -11.44 -25.89 -14.25
CA GLY E 105 -12.05 -26.50 -13.09
C GLY E 105 -11.07 -27.49 -12.47
N GLY E 106 -10.49 -27.08 -11.34
CA GLY E 106 -9.51 -27.92 -10.66
C GLY E 106 -10.11 -29.19 -10.12
N ALA E 107 -9.26 -30.14 -9.78
CA ALA E 107 -9.72 -31.40 -9.22
C ALA E 107 -10.06 -31.24 -7.74
N LEU E 108 -11.08 -31.96 -7.30
CA LEU E 108 -11.57 -31.87 -5.94
C LEU E 108 -10.60 -32.52 -4.93
N TYR E 109 -10.05 -33.67 -5.28
CA TYR E 109 -9.21 -34.41 -4.34
C TYR E 109 -7.74 -34.48 -4.76
N ASN E 110 -7.35 -33.65 -5.71
CA ASN E 110 -5.93 -33.51 -6.03
C ASN E 110 -5.26 -32.70 -4.94
N ILE E 111 -4.43 -33.37 -4.13
CA ILE E 111 -3.76 -32.74 -3.00
C ILE E 111 -2.85 -31.60 -3.46
N ASP E 112 -2.33 -31.73 -4.68
CA ASP E 112 -1.51 -30.68 -5.27
C ASP E 112 -2.33 -29.46 -5.69
N ASN E 113 -3.66 -29.58 -5.63
CA ASN E 113 -4.53 -28.46 -5.94
C ASN E 113 -5.02 -27.78 -4.67
N LEU E 114 -4.42 -28.14 -3.53
CA LEU E 114 -4.88 -27.68 -2.24
C LEU E 114 -3.88 -26.77 -1.54
N VAL E 115 -4.40 -25.77 -0.83
CA VAL E 115 -3.59 -24.93 0.04
C VAL E 115 -4.32 -24.70 1.36
N ILE E 116 -3.57 -24.43 2.41
CA ILE E 116 -4.15 -24.01 3.67
C ILE E 116 -4.01 -22.50 3.79
N VAL E 117 -5.09 -21.82 4.16
CA VAL E 117 -5.05 -20.37 4.34
C VAL E 117 -5.81 -19.96 5.60
N THR E 118 -5.45 -18.81 6.15
CA THR E 118 -6.21 -18.23 7.26
C THR E 118 -7.43 -17.51 6.69
N PRO E 119 -8.47 -17.31 7.53
CA PRO E 119 -9.65 -16.58 7.05
C PRO E 119 -9.28 -15.18 6.54
N LYS E 120 -8.39 -14.49 7.24
CA LYS E 120 -7.99 -13.14 6.85
C LYS E 120 -7.30 -13.12 5.48
N ARG E 121 -6.33 -14.02 5.29
CA ARG E 121 -5.59 -14.08 4.05
C ARG E 121 -6.48 -14.45 2.88
N HIS E 122 -7.46 -15.30 3.15
CA HIS E 122 -8.38 -15.75 2.09
C HIS E 122 -9.18 -14.58 1.53
N SER E 123 -9.58 -13.66 2.40
CA SER E 123 -10.33 -12.49 1.95
C SER E 123 -9.44 -11.55 1.15
N GLU E 124 -8.21 -11.37 1.60
CA GLU E 124 -7.24 -10.54 0.89
C GLU E 124 -6.96 -11.09 -0.50
N ILE E 125 -6.83 -12.41 -0.59
CA ILE E 125 -6.61 -13.08 -1.87
C ILE E 125 -7.79 -12.84 -2.80
N HIS E 126 -9.00 -12.93 -2.25
CA HIS E 126 -10.22 -12.68 -3.01
C HIS E 126 -10.26 -11.25 -3.53
N LYS E 127 -9.85 -10.31 -2.67
CA LYS E 127 -9.80 -8.90 -3.05
C LYS E 127 -8.82 -8.66 -4.18
N GLU E 128 -7.68 -9.35 -4.13
CA GLU E 128 -6.67 -9.24 -5.16
C GLU E 128 -7.17 -9.76 -6.50
N LEU E 129 -7.86 -10.90 -6.47
CA LEU E 129 -8.45 -11.47 -7.68
C LEU E 129 -9.51 -10.54 -8.26
N LYS E 130 -10.21 -9.83 -7.40
CA LYS E 130 -11.22 -8.87 -7.80
C LYS E 130 -10.58 -7.71 -8.57
N LEU E 131 -9.48 -7.19 -8.03
CA LEU E 131 -8.77 -6.07 -8.65
C LEU E 131 -8.18 -6.48 -9.99
N LYS E 132 -7.73 -7.73 -10.09
CA LYS E 132 -7.15 -8.24 -11.32
C LYS E 132 -8.22 -8.45 -12.38
N ILE F 3 -25.35 -24.82 28.42
CA ILE F 3 -24.61 -23.60 28.68
C ILE F 3 -25.47 -22.54 29.37
N LYS F 4 -24.83 -21.50 29.87
CA LYS F 4 -25.53 -20.45 30.61
C LYS F 4 -25.43 -19.10 29.91
N ASN F 5 -26.26 -18.16 30.32
CA ASN F 5 -26.36 -16.87 29.63
C ASN F 5 -25.17 -15.95 29.87
N ASN F 6 -24.69 -15.88 31.11
CA ASN F 6 -23.56 -15.03 31.45
C ASN F 6 -22.47 -15.81 32.18
N LEU F 7 -21.28 -15.23 32.23
CA LEU F 7 -20.16 -15.87 32.93
C LEU F 7 -20.46 -15.97 34.41
N SER F 8 -21.12 -14.95 34.95
CA SER F 8 -21.47 -14.92 36.38
C SER F 8 -22.51 -15.96 36.74
N ASP F 9 -23.08 -16.64 35.75
CA ASP F 9 -24.00 -17.74 36.02
C ASP F 9 -23.23 -19.03 36.28
N TYR F 10 -21.96 -19.04 35.89
CA TYR F 10 -21.08 -20.20 36.13
C TYR F 10 -20.35 -20.10 37.46
N THR F 11 -20.20 -21.23 38.15
CA THR F 11 -19.16 -21.34 39.17
C THR F 11 -17.88 -21.61 38.41
N GLU F 12 -16.73 -21.38 39.04
CA GLU F 12 -15.46 -21.60 38.35
C GLU F 12 -15.33 -23.05 37.92
N SER F 13 -15.77 -23.96 38.78
CA SER F 13 -15.67 -25.38 38.49
C SER F 13 -16.55 -25.79 37.31
N GLU F 14 -17.71 -25.16 37.20
CA GLU F 14 -18.63 -25.44 36.09
C GLU F 14 -18.07 -24.97 34.76
N PHE F 15 -17.48 -23.78 34.77
CA PHE F 15 -16.89 -23.19 33.57
C PHE F 15 -15.68 -24.00 33.11
N LEU F 16 -14.88 -24.43 34.08
CA LEU F 16 -13.72 -25.28 33.81
C LEU F 16 -14.12 -26.52 33.04
N GLU F 17 -15.26 -27.09 33.43
CA GLU F 17 -15.79 -28.30 32.80
C GLU F 17 -16.08 -28.08 31.30
N ILE F 18 -16.52 -26.86 30.97
CA ILE F 18 -16.74 -26.49 29.58
C ILE F 18 -15.42 -26.37 28.83
N ILE F 19 -14.43 -25.77 29.47
CA ILE F 19 -13.13 -25.55 28.84
C ILE F 19 -12.41 -26.87 28.58
N GLU F 20 -12.62 -27.85 29.44
CA GLU F 20 -12.00 -29.16 29.27
C GLU F 20 -12.42 -29.81 27.95
N GLU F 21 -13.57 -29.41 27.45
CA GLU F 21 -14.09 -29.94 26.20
C GLU F 21 -13.21 -29.54 25.01
N PHE F 22 -12.35 -28.54 25.19
CA PHE F 22 -11.41 -28.15 24.15
C PHE F 22 -10.15 -29.01 24.15
N PHE F 23 -10.11 -30.03 25.00
CA PHE F 23 -8.92 -30.85 25.17
C PHE F 23 -9.23 -32.34 25.15
N LYS F 24 -10.49 -32.69 25.29
CA LYS F 24 -10.91 -34.09 25.21
C LYS F 24 -12.37 -34.18 24.82
N ASN F 25 -12.77 -35.33 24.30
CA ASN F 25 -14.13 -35.51 23.81
C ASN F 25 -15.09 -35.96 24.90
N LYS F 26 -15.68 -35.00 25.60
CA LYS F 26 -16.56 -35.33 26.71
C LYS F 26 -18.02 -35.49 26.30
N SER F 27 -18.40 -34.96 25.13
CA SER F 27 -19.81 -34.86 24.78
C SER F 27 -20.58 -36.20 24.68
N GLY F 28 -20.08 -37.25 24.00
CA GLY F 28 -18.87 -37.27 23.21
C GLY F 28 -19.24 -37.49 21.75
N LEU F 29 -19.37 -36.39 21.02
CA LEU F 29 -19.84 -36.41 19.64
C LEU F 29 -18.74 -36.80 18.66
N LYS F 30 -19.12 -36.92 17.39
CA LYS F 30 -18.18 -37.25 16.32
C LYS F 30 -18.45 -36.42 15.08
N GLY F 31 -17.42 -36.22 14.26
CA GLY F 31 -17.58 -35.56 12.97
C GLY F 31 -18.21 -34.18 13.02
N SER F 32 -19.14 -33.93 12.10
CA SER F 32 -19.79 -32.63 11.96
C SER F 32 -20.56 -32.22 13.22
N GLU F 33 -21.13 -33.21 13.91
CA GLU F 33 -21.87 -32.94 15.14
C GLU F 33 -20.93 -32.46 16.24
N LEU F 34 -19.74 -33.03 16.28
CA LEU F 34 -18.72 -32.59 17.22
C LEU F 34 -18.30 -31.17 16.89
N GLU F 35 -18.05 -30.90 15.61
CA GLU F 35 -17.59 -29.58 15.19
C GLU F 35 -18.69 -28.54 15.40
N LYS F 36 -19.94 -28.98 15.27
CA LYS F 36 -21.09 -28.12 15.50
C LYS F 36 -21.12 -27.65 16.96
N ARG F 37 -20.87 -28.58 17.88
CA ARG F 37 -20.84 -28.23 19.30
C ARG F 37 -19.64 -27.36 19.64
N MET F 38 -18.48 -27.68 19.09
CA MET F 38 -17.27 -26.91 19.35
C MET F 38 -17.41 -25.48 18.84
N ASP F 39 -17.98 -25.33 17.64
CA ASP F 39 -18.27 -23.99 17.10
C ASP F 39 -19.11 -23.19 18.07
N LYS F 40 -20.16 -23.82 18.60
CA LYS F 40 -21.06 -23.17 19.55
C LYS F 40 -20.31 -22.77 20.82
N LEU F 41 -19.44 -23.66 21.29
CA LEU F 41 -18.70 -23.40 22.52
C LEU F 41 -17.67 -22.28 22.33
N VAL F 42 -17.10 -22.18 21.14
CA VAL F 42 -16.13 -21.13 20.86
C VAL F 42 -16.80 -19.76 20.88
N LYS F 43 -17.94 -19.65 20.19
CA LYS F 43 -18.68 -18.39 20.16
C LYS F 43 -19.13 -18.01 21.56
N HIS F 44 -19.61 -19.01 22.30
CA HIS F 44 -20.06 -18.82 23.68
C HIS F 44 -18.91 -18.31 24.55
N PHE F 45 -17.75 -18.93 24.42
CA PHE F 45 -16.57 -18.50 25.17
C PHE F 45 -16.24 -17.04 24.90
N GLU F 46 -16.28 -16.65 23.63
CA GLU F 46 -15.94 -15.29 23.25
C GLU F 46 -16.97 -14.30 23.79
N GLU F 47 -18.23 -14.71 23.80
CA GLU F 47 -19.32 -13.88 24.28
C GLU F 47 -19.23 -13.61 25.78
N VAL F 48 -19.23 -14.67 26.58
CA VAL F 48 -19.36 -14.51 28.03
C VAL F 48 -18.09 -13.99 28.70
N THR F 49 -16.91 -14.25 28.13
CA THR F 49 -15.67 -13.78 28.76
C THR F 49 -15.30 -12.36 28.35
N SER F 50 -15.76 -11.95 27.17
CA SER F 50 -15.39 -10.66 26.60
C SER F 50 -13.87 -10.46 26.46
N HIS F 51 -13.11 -11.55 26.47
CA HIS F 51 -11.65 -11.44 26.38
C HIS F 51 -11.24 -10.92 25.00
N PRO F 52 -10.35 -9.92 24.98
CA PRO F 52 -9.91 -9.27 23.73
C PRO F 52 -9.25 -10.23 22.75
N ARG F 53 -8.65 -11.30 23.26
CA ARG F 53 -7.99 -12.27 22.39
C ARG F 53 -8.96 -13.35 21.92
N LYS F 54 -10.22 -13.24 22.34
CA LYS F 54 -11.27 -14.16 21.92
C LYS F 54 -10.86 -15.62 22.13
N SER F 55 -11.06 -16.46 21.12
CA SER F 55 -10.70 -17.88 21.20
C SER F 55 -9.19 -18.08 21.29
N GLY F 56 -8.44 -17.03 21.02
CA GLY F 56 -6.99 -17.06 21.12
C GLY F 56 -6.51 -17.52 22.47
N VAL F 57 -7.27 -17.19 23.52
CA VAL F 57 -6.93 -17.64 24.88
C VAL F 57 -6.84 -19.16 24.94
N ILE F 58 -7.73 -19.83 24.19
CA ILE F 58 -7.77 -21.28 24.15
C ILE F 58 -6.75 -21.87 23.17
N PHE F 59 -6.78 -21.38 21.94
CA PHE F 59 -6.03 -22.01 20.85
C PHE F 59 -4.64 -21.44 20.66
N HIS F 60 -4.39 -20.24 21.17
CA HIS F 60 -3.05 -19.67 21.13
C HIS F 60 -2.67 -19.05 22.47
N PRO F 61 -2.63 -19.88 23.52
CA PRO F 61 -2.44 -19.38 24.88
C PRO F 61 -1.02 -18.90 25.16
N LYS F 62 -0.88 -18.06 26.18
CA LYS F 62 0.43 -17.65 26.67
C LYS F 62 1.13 -18.85 27.27
N PRO F 63 2.48 -18.85 27.27
CA PRO F 63 3.22 -19.98 27.84
C PRO F 63 2.84 -20.27 29.29
N GLY F 64 2.53 -21.53 29.59
CA GLY F 64 2.13 -21.92 30.93
C GLY F 64 0.62 -21.96 31.10
N PHE F 65 -0.09 -21.26 30.23
CA PHE F 65 -1.54 -21.14 30.33
C PHE F 65 -2.29 -22.01 29.32
N GLU F 66 -1.66 -23.09 28.86
CA GLU F 66 -2.22 -23.88 27.75
C GLU F 66 -3.31 -24.84 28.18
N THR F 67 -3.39 -25.10 29.47
CA THR F 67 -4.33 -26.06 30.02
C THR F 67 -5.65 -25.38 30.38
N PRO F 68 -6.72 -26.17 30.62
CA PRO F 68 -8.00 -25.61 31.07
C PRO F 68 -7.87 -24.67 32.26
N GLU F 69 -7.09 -25.07 33.26
CA GLU F 69 -6.89 -24.23 34.44
C GLU F 69 -6.24 -22.91 34.06
N GLY F 70 -5.30 -22.95 33.12
CA GLY F 70 -4.62 -21.74 32.67
C GLY F 70 -5.55 -20.79 31.95
N ILE F 71 -6.42 -21.34 31.11
CA ILE F 71 -7.39 -20.56 30.37
C ILE F 71 -8.36 -19.87 31.33
N VAL F 72 -8.84 -20.61 32.32
CA VAL F 72 -9.78 -20.06 33.29
C VAL F 72 -9.11 -19.00 34.15
N LYS F 73 -7.84 -19.24 34.49
CA LYS F 73 -7.06 -18.26 35.25
C LYS F 73 -6.93 -16.95 34.47
N GLU F 74 -6.66 -17.07 33.17
CA GLU F 74 -6.50 -15.90 32.32
C GLU F 74 -7.81 -15.12 32.18
N VAL F 75 -8.91 -15.85 32.04
CA VAL F 75 -10.23 -15.23 31.95
C VAL F 75 -10.57 -14.49 33.23
N LYS F 76 -10.38 -15.16 34.36
CA LYS F 76 -10.71 -14.58 35.65
C LYS F 76 -9.84 -13.36 35.94
N GLU F 77 -8.56 -13.43 35.58
CA GLU F 77 -7.64 -12.33 35.83
C GLU F 77 -7.88 -11.13 34.91
N TRP F 78 -8.19 -11.38 33.65
CA TRP F 78 -8.41 -10.27 32.74
C TRP F 78 -9.70 -9.53 33.11
N ARG F 79 -10.73 -10.29 33.50
CA ARG F 79 -12.01 -9.69 33.84
C ARG F 79 -11.92 -8.86 35.11
N ALA F 80 -11.21 -9.35 36.12
CA ALA F 80 -11.01 -8.61 37.35
C ALA F 80 -10.20 -7.33 37.09
N ALA F 81 -9.24 -7.42 36.18
CA ALA F 81 -8.39 -6.28 35.84
C ALA F 81 -9.19 -5.19 35.15
N ASN F 82 -10.29 -5.56 34.53
CA ASN F 82 -11.14 -4.61 33.80
C ASN F 82 -12.46 -4.30 34.52
N GLY F 83 -12.56 -4.74 35.76
CA GLY F 83 -13.72 -4.43 36.60
C GLY F 83 -15.00 -5.15 36.21
N LEU F 84 -14.85 -6.32 35.59
CA LEU F 84 -16.01 -7.12 35.18
C LEU F 84 -16.34 -8.16 36.24
N PRO F 85 -17.62 -8.55 36.34
CA PRO F 85 -18.03 -9.58 37.31
C PRO F 85 -17.37 -10.92 37.06
N GLY F 86 -17.02 -11.62 38.14
CA GLY F 86 -16.39 -12.92 38.03
C GLY F 86 -17.39 -14.05 38.11
N PHE F 87 -16.89 -15.25 38.38
CA PHE F 87 -17.74 -16.42 38.49
C PHE F 87 -18.63 -16.38 39.73
N LYS F 88 -19.72 -17.12 39.69
CA LYS F 88 -20.60 -17.27 40.85
C LYS F 88 -19.84 -17.98 41.97
N ALA F 89 -20.12 -17.60 43.22
CA ALA F 89 -19.45 -18.18 44.37
C ALA F 89 -19.73 -19.68 44.50
N GLY F 90 -18.73 -20.42 44.99
CA GLY F 90 -18.90 -21.83 45.26
C GLY F 90 -17.56 -22.53 45.45
N LEU F 91 -17.51 -23.46 46.40
CA LEU F 91 -16.31 -24.26 46.61
C LEU F 91 -16.20 -25.34 45.55
N GLU F 92 -14.98 -25.63 45.12
CA GLU F 92 -14.77 -26.54 44.01
C GLU F 92 -14.94 -28.00 44.44
N HIS F 93 -14.76 -28.27 45.74
CA HIS F 93 -14.91 -29.63 46.25
C HIS F 93 -16.39 -30.02 46.34
N HIS F 94 -17.27 -29.04 46.08
CA HIS F 94 -18.70 -29.28 45.98
C HIS F 94 -19.06 -29.85 44.62
N HIS F 95 -18.20 -29.61 43.64
CA HIS F 95 -18.39 -30.15 42.29
C HIS F 95 -18.03 -31.63 42.28
N HIS F 96 -18.95 -32.46 41.77
CA HIS F 96 -18.80 -33.91 41.75
C HIS F 96 -18.57 -34.48 43.14
N GLU G 2 -1.18 9.18 42.84
CA GLU G 2 -1.22 10.24 43.84
C GLU G 2 -1.69 11.55 43.22
N PRO G 3 -3.00 11.83 43.34
CA PRO G 3 -3.63 13.05 42.80
C PRO G 3 -3.01 14.32 43.36
N GLY G 4 -3.22 15.44 42.66
CA GLY G 4 -2.69 16.72 43.11
C GLY G 4 -3.07 17.86 42.20
N VAL G 5 -2.82 19.08 42.65
CA VAL G 5 -3.12 20.29 41.88
C VAL G 5 -1.83 20.91 41.35
N ALA G 6 -1.86 21.36 40.10
CA ALA G 6 -0.67 21.97 39.50
C ALA G 6 -0.47 23.40 40.01
N THR G 7 0.78 23.73 40.30
CA THR G 7 1.16 25.08 40.69
C THR G 7 2.34 25.53 39.84
N GLY G 8 2.68 26.80 39.90
CA GLY G 8 3.86 27.29 39.21
C GLY G 8 3.57 28.20 38.04
N ASN G 9 4.54 29.06 37.72
CA ASN G 9 4.36 30.09 36.72
C ASN G 9 4.96 29.74 35.37
N GLY G 10 5.99 28.91 35.38
CA GLY G 10 6.74 28.62 34.18
C GLY G 10 7.68 29.76 33.85
N GLN G 11 8.32 29.69 32.70
CA GLN G 11 9.27 30.72 32.28
C GLN G 11 8.84 31.32 30.94
N PRO G 12 9.21 32.58 30.69
CA PRO G 12 8.89 33.19 29.40
C PRO G 12 9.93 32.84 28.34
N VAL G 13 9.61 31.86 27.52
CA VAL G 13 10.54 31.37 26.50
C VAL G 13 10.31 32.00 25.14
N THR G 14 11.33 31.96 24.28
CA THR G 14 11.25 32.54 22.95
C THR G 14 11.61 31.53 21.87
N GLY G 15 10.98 31.68 20.70
CA GLY G 15 11.28 30.85 19.55
C GLY G 15 11.06 29.37 19.78
N ASN G 16 11.98 28.56 19.24
CA ASN G 16 11.92 27.12 19.38
C ASN G 16 12.36 26.69 20.78
N TRP G 17 11.43 26.62 21.71
CA TRP G 17 11.77 26.33 23.10
C TRP G 17 12.08 24.86 23.33
N LEU G 18 11.53 23.98 22.50
CA LEU G 18 11.82 22.55 22.61
C LEU G 18 13.26 22.25 22.23
N ALA G 19 13.92 23.19 21.56
CA ALA G 19 15.32 23.03 21.16
C ALA G 19 16.23 23.05 22.38
N GLY G 20 15.75 23.67 23.46
CA GLY G 20 16.51 23.77 24.69
C GLY G 20 16.50 22.47 25.48
N ALA G 21 15.65 21.53 25.08
CA ALA G 21 15.54 20.24 25.76
C ALA G 21 16.80 19.40 25.56
N SER G 22 17.58 19.74 24.53
CA SER G 22 18.80 19.00 24.24
C SER G 22 20.03 19.64 24.85
N GLN G 23 19.84 20.70 25.64
CA GLN G 23 20.97 21.45 26.19
C GLN G 23 20.85 21.71 27.69
N GLY G 24 21.99 21.86 28.35
CA GLY G 24 22.06 22.17 29.76
C GLY G 24 21.28 21.22 30.66
N ASP G 25 20.40 21.78 31.47
CA ASP G 25 19.56 20.99 32.36
C ASP G 25 18.16 20.81 31.77
N GLY G 26 18.02 21.13 30.50
CA GLY G 26 16.73 21.04 29.83
C GLY G 26 16.08 22.41 29.74
N VAL G 27 14.86 22.46 29.21
CA VAL G 27 14.15 23.72 29.05
C VAL G 27 12.94 23.78 29.99
N PRO G 28 12.80 24.89 30.72
CA PRO G 28 11.63 25.05 31.61
C PRO G 28 10.33 25.12 30.81
N ILE G 29 9.20 25.03 31.51
CA ILE G 29 7.90 25.05 30.87
C ILE G 29 7.47 26.48 30.53
N PRO G 30 7.11 26.73 29.27
CA PRO G 30 6.64 28.06 28.85
C PRO G 30 5.49 28.57 29.72
N SER G 31 5.47 29.88 29.97
CA SER G 31 4.44 30.49 30.80
C SER G 31 3.04 30.25 30.25
N GLN G 32 2.88 30.34 28.94
CA GLN G 32 1.57 30.19 28.32
C GLN G 32 1.08 28.75 28.42
N ILE G 33 2.02 27.81 28.54
CA ILE G 33 1.68 26.41 28.75
C ILE G 33 1.26 26.21 30.21
N ALA G 34 2.02 26.81 31.11
CA ALA G 34 1.70 26.75 32.53
C ALA G 34 0.30 27.29 32.81
N ASP G 35 -0.09 28.33 32.09
CA ASP G 35 -1.42 28.94 32.24
C ASP G 35 -2.55 27.92 32.06
N GLN G 36 -2.34 26.95 31.18
CA GLN G 36 -3.36 25.96 30.89
C GLN G 36 -3.39 24.84 31.93
N LEU G 37 -2.36 24.79 32.77
CA LEU G 37 -2.20 23.68 33.70
C LEU G 37 -2.33 24.11 35.15
N ARG G 38 -1.83 25.30 35.46
CA ARG G 38 -1.88 25.82 36.82
C ARG G 38 -3.30 25.93 37.34
N GLY G 39 -3.54 25.35 38.52
CA GLY G 39 -4.84 25.42 39.16
C GLY G 39 -5.73 24.22 38.90
N LYS G 40 -5.33 23.38 37.94
CA LYS G 40 -6.12 22.21 37.60
C LYS G 40 -5.72 20.98 38.41
N GLU G 41 -6.65 20.06 38.59
CA GLU G 41 -6.39 18.82 39.32
C GLU G 41 -6.01 17.70 38.35
N PHE G 42 -5.17 16.79 38.83
CA PHE G 42 -4.71 15.66 38.02
C PHE G 42 -4.75 14.38 38.84
N LYS G 43 -5.20 13.29 38.21
CA LYS G 43 -5.39 12.03 38.92
C LYS G 43 -4.07 11.32 39.18
N SER G 44 -3.10 11.53 38.29
CA SER G 44 -1.83 10.87 38.38
C SER G 44 -0.79 11.63 37.56
N TRP G 45 0.46 11.18 37.60
CA TRP G 45 1.48 11.82 36.78
C TRP G 45 1.19 11.59 35.30
N ARG G 46 0.70 10.40 34.97
CA ARG G 46 0.33 10.09 33.59
C ARG G 46 -0.73 11.05 33.08
N ASP G 47 -1.72 11.31 33.92
CA ASP G 47 -2.81 12.24 33.61
C ASP G 47 -2.25 13.63 33.35
N PHE G 48 -1.28 14.06 34.17
CA PHE G 48 -0.64 15.35 33.96
C PHE G 48 0.16 15.38 32.67
N ARG G 49 0.90 14.31 32.42
CA ARG G 49 1.72 14.19 31.21
C ARG G 49 0.88 14.36 29.96
N GLU G 50 -0.23 13.64 29.89
CA GLU G 50 -1.12 13.70 28.75
C GLU G 50 -1.68 15.10 28.52
N GLN G 51 -2.18 15.73 29.59
CA GLN G 51 -2.76 17.06 29.47
C GLN G 51 -1.70 18.11 29.17
N PHE G 52 -0.47 17.84 29.61
CA PHE G 52 0.64 18.73 29.31
C PHE G 52 0.88 18.81 27.81
N TRP G 53 1.02 17.64 27.17
CA TRP G 53 1.31 17.62 25.76
C TRP G 53 0.12 18.10 24.93
N MET G 54 -1.09 17.91 25.46
CA MET G 54 -2.27 18.45 24.80
C MET G 54 -2.25 19.98 24.83
N ALA G 55 -1.77 20.55 25.93
CA ALA G 55 -1.64 21.99 26.05
C ALA G 55 -0.59 22.50 25.07
N VAL G 56 0.49 21.72 24.92
CA VAL G 56 1.50 22.00 23.92
C VAL G 56 0.89 21.99 22.52
N SER G 57 -0.06 21.09 22.29
CA SER G 57 -0.71 20.99 20.98
C SER G 57 -1.55 22.22 20.64
N LYS G 58 -1.78 23.06 21.64
CA LYS G 58 -2.55 24.29 21.43
C LYS G 58 -1.65 25.52 21.38
N ASP G 59 -0.35 25.30 21.36
CA ASP G 59 0.61 26.40 21.39
C ASP G 59 1.33 26.58 20.05
N PRO G 60 0.99 27.65 19.32
CA PRO G 60 1.59 27.93 18.01
C PRO G 60 3.12 28.01 18.04
N SER G 61 3.69 28.56 19.11
CA SER G 61 5.15 28.67 19.20
C SER G 61 5.79 27.30 19.20
N ALA G 62 5.15 26.33 19.86
CA ALA G 62 5.64 24.96 19.85
C ALA G 62 5.32 24.26 18.54
N LEU G 63 4.08 24.43 18.07
CA LEU G 63 3.63 23.78 16.84
C LEU G 63 4.45 24.20 15.63
N GLU G 64 4.93 25.44 15.65
CA GLU G 64 5.73 25.97 14.55
C GLU G 64 6.98 25.10 14.30
N ASN G 65 7.52 24.54 15.37
CA ASN G 65 8.73 23.72 15.27
C ASN G 65 8.47 22.22 15.40
N LEU G 66 7.24 21.81 15.16
CA LEU G 66 6.90 20.40 15.18
C LEU G 66 6.37 19.95 13.83
N SER G 67 6.70 18.71 13.45
CA SER G 67 6.24 18.11 12.20
C SER G 67 4.77 17.75 12.31
N PRO G 68 4.09 17.54 11.16
CA PRO G 68 2.67 17.15 11.20
C PRO G 68 2.42 15.94 12.08
N SER G 69 3.30 14.95 11.99
CA SER G 69 3.17 13.75 12.81
C SER G 69 3.27 14.09 14.30
N ASN G 70 4.32 14.83 14.65
CA ASN G 70 4.53 15.22 16.04
C ASN G 70 3.40 16.12 16.56
N ARG G 71 2.84 16.94 15.67
CA ARG G 71 1.68 17.76 16.02
C ARG G 71 0.50 16.87 16.37
N TYR G 72 0.31 15.79 15.61
CA TYR G 72 -0.77 14.86 15.88
C TYR G 72 -0.57 14.13 17.22
N PHE G 73 0.66 13.73 17.49
CA PHE G 73 0.95 12.99 18.71
C PHE G 73 0.60 13.79 19.95
N VAL G 74 1.05 15.05 20.01
CA VAL G 74 0.77 15.87 21.18
C VAL G 74 -0.73 16.19 21.28
N SER G 75 -1.43 16.20 20.15
CA SER G 75 -2.86 16.47 20.15
C SER G 75 -3.62 15.32 20.83
N GLN G 76 -2.97 14.16 20.88
CA GLN G 76 -3.54 12.98 21.53
C GLN G 76 -2.99 12.77 22.95
N GLY G 77 -2.14 13.69 23.40
CA GLY G 77 -1.57 13.59 24.73
C GLY G 77 -0.33 12.71 24.77
N LEU G 78 0.19 12.37 23.60
CA LEU G 78 1.39 11.54 23.49
C LEU G 78 2.64 12.40 23.40
N ALA G 79 3.70 11.97 24.07
CA ALA G 79 4.98 12.67 23.98
C ALA G 79 5.48 12.68 22.54
N PRO G 80 6.00 13.83 22.09
CA PRO G 80 6.55 13.96 20.74
C PRO G 80 7.95 13.36 20.65
N TYR G 81 8.40 13.09 19.43
CA TYR G 81 9.69 12.43 19.23
C TYR G 81 10.79 13.44 18.92
N ALA G 82 11.93 13.28 19.59
CA ALA G 82 13.09 14.13 19.34
C ALA G 82 13.83 13.65 18.10
N VAL G 83 14.78 14.47 17.63
CA VAL G 83 15.61 14.11 16.48
C VAL G 83 16.45 12.87 16.82
N PRO G 84 16.82 12.09 15.79
CA PRO G 84 17.60 10.87 15.98
C PRO G 84 18.91 11.09 16.76
N GLU G 85 19.56 12.22 16.55
CA GLU G 85 20.84 12.49 17.21
C GLU G 85 20.64 12.83 18.70
N GLU G 86 19.39 12.94 19.11
CA GLU G 86 19.06 13.14 20.53
C GLU G 86 18.42 11.88 21.12
N HIS G 87 18.40 10.80 20.35
CA HIS G 87 17.90 9.53 20.86
C HIS G 87 18.94 8.88 21.76
N LEU G 88 18.47 7.97 22.61
CA LEU G 88 19.36 7.11 23.37
C LEU G 88 18.88 5.68 23.20
N GLY G 89 19.38 5.01 22.16
CA GLY G 89 18.92 3.67 21.83
C GLY G 89 17.45 3.70 21.44
N SER G 90 16.64 2.97 22.20
CA SER G 90 15.21 2.86 21.93
C SER G 90 14.42 4.03 22.54
N LYS G 91 15.12 4.89 23.27
CA LYS G 91 14.49 6.04 23.90
C LYS G 91 14.55 7.26 22.98
N GLU G 92 13.38 7.72 22.54
CA GLU G 92 13.33 8.75 21.50
C GLU G 92 12.43 9.94 21.84
N LYS G 93 11.57 9.77 22.83
CA LYS G 93 10.60 10.80 23.18
C LYS G 93 11.19 11.89 24.06
N PHE G 94 10.73 13.13 23.86
CA PHE G 94 10.97 14.19 24.82
C PHE G 94 10.42 13.74 26.17
N GLU G 95 11.11 14.07 27.25
CA GLU G 95 10.70 13.64 28.57
C GLU G 95 10.54 14.80 29.53
N ILE G 96 9.51 14.72 30.37
CA ILE G 96 9.33 15.66 31.47
C ILE G 96 10.01 15.11 32.71
N HIS G 97 10.94 15.87 33.27
CA HIS G 97 11.62 15.43 34.48
C HIS G 97 11.51 16.47 35.58
N HIS G 98 11.61 16.00 36.82
CA HIS G 98 11.58 16.89 37.98
C HIS G 98 12.99 17.34 38.32
N VAL G 99 13.15 18.63 38.57
CA VAL G 99 14.46 19.19 38.90
C VAL G 99 14.85 18.79 40.31
N VAL G 100 13.97 19.02 41.26
CA VAL G 100 14.22 18.65 42.65
C VAL G 100 13.48 17.36 43.01
N PRO G 101 14.21 16.34 43.48
CA PRO G 101 13.62 15.05 43.82
C PRO G 101 12.70 15.11 45.04
N LEU G 102 11.96 14.04 45.28
CA LEU G 102 11.03 13.99 46.41
C LEU G 102 11.78 13.98 47.75
N GLU G 103 13.01 13.50 47.73
CA GLU G 103 13.82 13.43 48.94
C GLU G 103 14.32 14.81 49.37
N SER G 104 14.25 15.77 48.46
CA SER G 104 14.70 17.13 48.75
C SER G 104 13.54 18.12 48.78
N GLY G 105 12.33 17.60 48.91
CA GLY G 105 11.16 18.45 49.09
C GLY G 105 10.54 18.96 47.79
N GLY G 106 10.84 18.30 46.69
CA GLY G 106 10.28 18.69 45.40
C GLY G 106 8.82 18.27 45.25
N ALA G 107 8.00 19.19 44.75
CA ALA G 107 6.58 18.91 44.55
C ALA G 107 6.36 18.18 43.22
N LEU G 108 5.32 17.37 43.17
CA LEU G 108 5.05 16.54 42.00
C LEU G 108 4.45 17.33 40.84
N TYR G 109 3.53 18.25 41.16
CA TYR G 109 2.84 19.00 40.12
C TYR G 109 3.22 20.48 40.13
N ASN G 110 4.38 20.79 40.68
CA ASN G 110 4.91 22.14 40.60
C ASN G 110 5.55 22.36 39.22
N ILE G 111 4.89 23.16 38.39
CA ILE G 111 5.34 23.41 37.02
C ILE G 111 6.75 24.02 37.01
N ASP G 112 7.07 24.77 38.06
CA ASP G 112 8.39 25.38 38.17
C ASP G 112 9.44 24.34 38.57
N ASN G 113 8.99 23.15 38.96
CA ASN G 113 9.90 22.06 39.27
C ASN G 113 10.04 21.07 38.11
N LEU G 114 9.67 21.53 36.91
CA LEU G 114 9.73 20.66 35.74
C LEU G 114 10.63 21.21 34.64
N VAL G 115 11.30 20.31 33.92
CA VAL G 115 12.00 20.66 32.70
C VAL G 115 11.70 19.62 31.63
N ILE G 116 11.89 19.99 30.38
CA ILE G 116 11.82 19.03 29.30
C ILE G 116 13.23 18.70 28.83
N VAL G 117 13.53 17.41 28.70
CA VAL G 117 14.85 16.99 28.23
C VAL G 117 14.73 15.91 27.15
N THR G 118 15.73 15.84 26.30
CA THR G 118 15.83 14.73 25.35
C THR G 118 16.45 13.53 26.07
N PRO G 119 16.19 12.32 25.56
CA PRO G 119 16.80 11.15 26.20
C PRO G 119 18.32 11.20 26.20
N LYS G 120 18.92 11.71 25.13
CA LYS G 120 20.37 11.86 25.06
C LYS G 120 20.88 12.84 26.11
N ARG G 121 20.25 14.00 26.21
CA ARG G 121 20.70 15.02 27.15
C ARG G 121 20.48 14.55 28.58
N HIS G 122 19.41 13.79 28.80
CA HIS G 122 19.16 13.22 30.12
C HIS G 122 20.31 12.31 30.52
N SER G 123 20.82 11.54 29.56
CA SER G 123 21.96 10.67 29.79
C SER G 123 23.22 11.48 30.14
N GLU G 124 23.47 12.55 29.40
CA GLU G 124 24.66 13.36 29.61
C GLU G 124 24.63 14.06 30.95
N ILE G 125 23.44 14.47 31.39
CA ILE G 125 23.27 15.08 32.70
C ILE G 125 23.64 14.08 33.79
N HIS G 126 23.17 12.85 33.63
CA HIS G 126 23.49 11.77 34.55
C HIS G 126 24.99 11.53 34.63
N LYS G 127 25.65 11.57 33.47
CA LYS G 127 27.10 11.37 33.40
C LYS G 127 27.85 12.49 34.10
N GLU G 128 27.36 13.71 33.96
CA GLU G 128 27.97 14.86 34.62
C GLU G 128 27.80 14.75 36.13
N LEU G 129 26.67 14.22 36.57
CA LEU G 129 26.41 14.04 37.99
C LEU G 129 27.29 12.96 38.59
N LYS G 130 27.76 12.05 37.74
CA LYS G 130 28.64 10.98 38.18
C LYS G 130 30.06 11.49 38.46
N LEU G 131 30.34 12.69 37.94
CA LEU G 131 31.64 13.34 38.10
C LEU G 131 32.80 12.43 37.66
N MET H 1 -4.28 -0.60 9.86
CA MET H 1 -3.98 -1.85 9.19
C MET H 1 -2.99 -2.68 10.01
N ASP H 2 -2.87 -3.96 9.70
CA ASP H 2 -2.08 -4.88 10.51
C ASP H 2 -0.57 -4.82 10.21
N ILE H 3 0.22 -5.21 11.19
CA ILE H 3 1.67 -5.25 11.07
C ILE H 3 2.15 -6.54 10.43
N LYS H 4 2.95 -6.43 9.37
CA LYS H 4 3.47 -7.61 8.68
C LYS H 4 4.94 -7.83 9.00
N ASN H 5 5.46 -9.01 8.65
CA ASN H 5 6.83 -9.38 8.98
C ASN H 5 7.89 -8.53 8.29
N ASN H 6 7.71 -8.30 6.99
CA ASN H 6 8.70 -7.58 6.20
C ASN H 6 8.06 -6.46 5.39
N LEU H 7 8.89 -5.56 4.87
CA LEU H 7 8.40 -4.44 4.09
C LEU H 7 7.87 -4.91 2.74
N SER H 8 8.54 -5.93 2.19
CA SER H 8 8.15 -6.48 0.91
C SER H 8 6.84 -7.26 1.01
N ASP H 9 6.36 -7.46 2.24
CA ASP H 9 5.05 -8.06 2.44
C ASP H 9 3.95 -7.05 2.18
N TYR H 10 4.28 -5.78 2.33
CA TYR H 10 3.33 -4.69 2.09
C TYR H 10 3.28 -4.28 0.63
N THR H 11 2.09 -3.96 0.14
CA THR H 11 1.97 -3.17 -1.06
C THR H 11 2.20 -1.72 -0.63
N GLU H 12 2.52 -0.85 -1.58
CA GLU H 12 2.78 0.55 -1.25
C GLU H 12 1.55 1.18 -0.59
N SER H 13 0.38 0.80 -1.08
CA SER H 13 -0.89 1.29 -0.53
C SER H 13 -1.10 0.82 0.91
N GLU H 14 -0.77 -0.44 1.17
CA GLU H 14 -0.96 -1.00 2.51
C GLU H 14 -0.04 -0.36 3.54
N PHE H 15 1.20 -0.09 3.13
CA PHE H 15 2.17 0.52 4.03
C PHE H 15 1.76 1.95 4.36
N LEU H 16 1.15 2.62 3.39
CA LEU H 16 0.63 3.97 3.58
C LEU H 16 -0.40 4.02 4.70
N GLU H 17 -1.22 2.97 4.79
CA GLU H 17 -2.25 2.90 5.83
C GLU H 17 -1.64 2.79 7.22
N ILE H 18 -0.43 2.23 7.29
CA ILE H 18 0.31 2.18 8.55
C ILE H 18 0.86 3.56 8.89
N ILE H 19 1.44 4.21 7.89
CA ILE H 19 2.04 5.53 8.08
C ILE H 19 0.97 6.58 8.44
N GLU H 20 -0.22 6.43 7.84
CA GLU H 20 -1.32 7.36 8.11
C GLU H 20 -1.71 7.38 9.58
N GLU H 21 -1.36 6.32 10.30
CA GLU H 21 -1.68 6.20 11.71
C GLU H 21 -0.85 7.16 12.57
N PHE H 22 0.23 7.68 11.97
CA PHE H 22 1.08 8.65 12.65
C PHE H 22 0.56 10.08 12.48
N PHE H 23 -0.60 10.21 11.85
CA PHE H 23 -1.15 11.53 11.50
C PHE H 23 -2.60 11.68 11.93
N LYS H 24 -3.25 10.55 12.24
CA LYS H 24 -4.64 10.55 12.67
C LYS H 24 -4.96 9.27 13.44
N ASN H 25 -6.02 9.32 14.24
CA ASN H 25 -6.38 8.20 15.10
C ASN H 25 -7.23 7.16 14.36
N LYS H 26 -6.59 6.08 13.95
CA LYS H 26 -7.26 5.02 13.19
C LYS H 26 -7.67 3.83 14.06
N SER H 27 -7.03 3.68 15.22
CA SER H 27 -7.15 2.43 15.98
C SER H 27 -8.56 2.09 16.53
N GLY H 28 -9.29 3.01 17.17
CA GLY H 28 -8.88 4.36 17.53
C GLY H 28 -8.74 4.46 19.03
N LEU H 29 -7.57 4.04 19.53
CA LEU H 29 -7.32 3.97 20.96
C LEU H 29 -7.03 5.34 21.57
N LYS H 30 -6.95 5.38 22.89
CA LYS H 30 -6.65 6.62 23.60
C LYS H 30 -5.70 6.36 24.77
N GLY H 31 -5.01 7.41 25.21
CA GLY H 31 -4.17 7.33 26.39
C GLY H 31 -3.00 6.37 26.26
N SER H 32 -2.77 5.60 27.32
CA SER H 32 -1.64 4.68 27.37
C SER H 32 -1.76 3.56 26.35
N GLU H 33 -2.99 3.16 26.06
CA GLU H 33 -3.23 2.13 25.05
C GLU H 33 -2.82 2.62 23.67
N LEU H 34 -3.11 3.88 23.38
CA LEU H 34 -2.73 4.47 22.10
C LEU H 34 -1.22 4.60 21.99
N GLU H 35 -0.58 5.05 23.06
CA GLU H 35 0.86 5.24 23.05
C GLU H 35 1.59 3.91 22.91
N LYS H 36 1.01 2.86 23.49
CA LYS H 36 1.57 1.52 23.37
C LYS H 36 1.58 1.06 21.92
N ARG H 37 0.48 1.29 21.22
CA ARG H 37 0.40 0.92 19.81
C ARG H 37 1.35 1.76 18.95
N MET H 38 1.43 3.05 19.26
CA MET H 38 2.31 3.92 18.50
C MET H 38 3.78 3.56 18.76
N ASP H 39 4.08 3.16 20.00
CA ASP H 39 5.40 2.65 20.34
C ASP H 39 5.76 1.46 19.45
N LYS H 40 4.81 0.53 19.33
CA LYS H 40 5.00 -0.67 18.53
C LYS H 40 5.14 -0.35 17.04
N LEU H 41 4.35 0.60 16.57
CA LEU H 41 4.38 0.99 15.17
C LEU H 41 5.70 1.69 14.82
N VAL H 42 6.19 2.53 15.72
CA VAL H 42 7.47 3.21 15.49
C VAL H 42 8.61 2.21 15.40
N LYS H 43 8.64 1.28 16.34
CA LYS H 43 9.67 0.25 16.36
C LYS H 43 9.57 -0.65 15.12
N HIS H 44 8.34 -0.95 14.72
CA HIS H 44 8.10 -1.72 13.51
C HIS H 44 8.66 -1.01 12.28
N PHE H 45 8.35 0.29 12.17
CA PHE H 45 8.81 1.12 11.07
C PHE H 45 10.32 1.10 10.95
N GLU H 46 11.01 1.33 12.06
CA GLU H 46 12.46 1.37 12.07
C GLU H 46 13.06 0.05 11.61
N GLU H 47 12.44 -1.06 12.04
CA GLU H 47 12.97 -2.38 11.73
C GLU H 47 12.78 -2.81 10.28
N VAL H 48 11.59 -2.60 9.73
CA VAL H 48 11.30 -3.08 8.39
C VAL H 48 11.83 -2.16 7.30
N THR H 49 12.05 -0.89 7.61
CA THR H 49 12.58 0.04 6.62
C THR H 49 14.10 0.01 6.58
N SER H 50 14.71 -0.23 7.74
CA SER H 50 16.17 -0.15 7.91
C SER H 50 16.70 1.25 7.58
N HIS H 51 15.83 2.25 7.60
CA HIS H 51 16.24 3.61 7.28
C HIS H 51 17.16 4.14 8.38
N PRO H 52 18.30 4.75 7.99
CA PRO H 52 19.31 5.27 8.90
C PRO H 52 18.75 6.30 9.87
N ARG H 53 17.76 7.06 9.44
CA ARG H 53 17.21 8.13 10.27
C ARG H 53 16.11 7.61 11.18
N LYS H 54 15.81 6.31 11.07
CA LYS H 54 14.84 5.65 11.94
C LYS H 54 13.51 6.39 11.96
N SER H 55 13.00 6.67 13.16
CA SER H 55 11.72 7.35 13.32
C SER H 55 11.81 8.79 12.86
N GLY H 56 13.04 9.28 12.68
CA GLY H 56 13.28 10.61 12.18
C GLY H 56 12.61 10.83 10.84
N VAL H 57 12.48 9.78 10.05
CA VAL H 57 11.80 9.88 8.76
C VAL H 57 10.37 10.38 8.95
N ILE H 58 9.74 9.91 10.03
CA ILE H 58 8.36 10.27 10.32
C ILE H 58 8.27 11.62 11.05
N PHE H 59 8.99 11.72 12.16
CA PHE H 59 8.80 12.84 13.08
C PHE H 59 9.70 14.04 12.78
N HIS H 60 10.79 13.82 12.05
CA HIS H 60 11.63 14.94 11.62
C HIS H 60 12.02 14.80 10.14
N PRO H 61 11.01 14.83 9.26
CA PRO H 61 11.20 14.57 7.84
C PRO H 61 11.90 15.73 7.12
N LYS H 62 12.61 15.40 6.04
CA LYS H 62 13.19 16.41 5.17
C LYS H 62 12.07 17.17 4.48
N PRO H 63 12.32 18.45 4.11
CA PRO H 63 11.31 19.22 3.39
C PRO H 63 10.90 18.53 2.09
N GLY H 64 9.59 18.37 1.89
CA GLY H 64 9.07 17.69 0.73
C GLY H 64 8.67 16.25 1.03
N PHE H 65 8.83 15.83 2.28
CA PHE H 65 8.52 14.47 2.67
C PHE H 65 7.83 14.39 4.03
N GLU H 66 7.06 15.41 4.37
CA GLU H 66 6.48 15.50 5.73
C GLU H 66 5.10 14.84 5.83
N THR H 67 4.50 14.53 4.68
CA THR H 67 3.18 13.92 4.65
C THR H 67 3.29 12.39 4.73
N PRO H 68 2.17 11.70 5.05
CA PRO H 68 2.17 10.23 5.00
C PRO H 68 2.69 9.70 3.68
N GLU H 69 2.23 10.33 2.59
CA GLU H 69 2.67 9.97 1.25
C GLU H 69 4.15 10.29 1.06
N GLY H 70 4.59 11.39 1.65
CA GLY H 70 5.99 11.77 1.60
C GLY H 70 6.89 10.77 2.30
N ILE H 71 6.43 10.25 3.43
CA ILE H 71 7.18 9.27 4.21
C ILE H 71 7.35 7.98 3.42
N VAL H 72 6.25 7.52 2.82
CA VAL H 72 6.28 6.34 1.96
C VAL H 72 7.25 6.57 0.80
N LYS H 73 7.21 7.76 0.23
CA LYS H 73 8.09 8.13 -0.88
C LYS H 73 9.56 8.03 -0.50
N GLU H 74 9.91 8.57 0.66
CA GLU H 74 11.29 8.52 1.15
C GLU H 74 11.72 7.08 1.42
N VAL H 75 10.84 6.28 2.02
CA VAL H 75 11.15 4.89 2.30
C VAL H 75 11.37 4.12 0.99
N LYS H 76 10.48 4.36 0.03
CA LYS H 76 10.55 3.73 -1.28
C LYS H 76 11.86 4.03 -1.98
N GLU H 77 12.25 5.31 -1.97
CA GLU H 77 13.45 5.77 -2.66
C GLU H 77 14.74 5.33 -1.96
N TRP H 78 14.79 5.41 -0.63
CA TRP H 78 16.00 5.03 0.07
C TRP H 78 16.30 3.54 -0.10
N ARG H 79 15.27 2.70 0.01
CA ARG H 79 15.46 1.27 -0.12
C ARG H 79 15.87 0.86 -1.53
N ALA H 80 15.32 1.52 -2.54
CA ALA H 80 15.71 1.25 -3.92
C ALA H 80 17.16 1.66 -4.15
N ALA H 81 17.55 2.80 -3.59
CA ALA H 81 18.91 3.32 -3.77
C ALA H 81 19.94 2.49 -3.01
N ASN H 82 19.51 1.75 -2.00
CA ASN H 82 20.44 0.98 -1.19
C ASN H 82 20.35 -0.52 -1.44
N GLY H 83 19.71 -0.90 -2.54
CA GLY H 83 19.64 -2.29 -2.95
C GLY H 83 18.80 -3.18 -2.07
N LEU H 84 17.85 -2.59 -1.35
CA LEU H 84 16.97 -3.36 -0.49
C LEU H 84 15.61 -3.57 -1.16
N PRO H 85 15.01 -4.76 -0.95
CA PRO H 85 13.71 -5.10 -1.56
C PRO H 85 12.62 -4.07 -1.28
N GLY H 86 11.83 -3.77 -2.30
CA GLY H 86 10.81 -2.74 -2.19
C GLY H 86 9.44 -3.32 -1.89
N PHE H 87 8.42 -2.48 -2.00
CA PHE H 87 7.05 -2.91 -1.76
C PHE H 87 6.61 -3.95 -2.77
N LYS H 88 5.72 -4.84 -2.33
CA LYS H 88 5.09 -5.80 -3.22
C LYS H 88 4.28 -5.05 -4.28
N ALA H 89 4.37 -5.50 -5.53
CA ALA H 89 3.55 -4.94 -6.59
C ALA H 89 2.09 -5.26 -6.31
N GLY H 90 1.20 -4.33 -6.66
CA GLY H 90 -0.22 -4.54 -6.45
C GLY H 90 -1.08 -3.45 -7.03
N LEU H 91 -2.39 -3.69 -7.05
CA LEU H 91 -3.34 -2.69 -7.54
C LEU H 91 -4.02 -1.99 -6.37
N GLU H 92 -4.36 -0.72 -6.55
CA GLU H 92 -5.01 0.05 -5.49
C GLU H 92 -6.52 0.13 -5.70
#